data_5DRI
#
_entry.id   5DRI
#
_cell.length_a   79.296
_cell.length_b   79.296
_cell.length_c   224.981
_cell.angle_alpha   90.00
_cell.angle_beta   90.00
_cell.angle_gamma   90.00
#
_symmetry.space_group_name_H-M   'P 43 21 2'
#
loop_
_entity.id
_entity.type
_entity.pdbx_description
1 polymer 'Malate synthase G'
2 non-polymer 'MAGNESIUM ION'
3 non-polymer '(2Z)-2-hydroxy-4-(1H-indol-5-yl)-4-oxobut-2-enoic acid'
4 water water
#
_entity_poly.entity_id   1
_entity_poly.type   'polypeptide(L)'
_entity_poly.pdbx_seq_one_letter_code
;MTDRVSVGNLRIARVLYDFVNNEALPGTDIDPDSFWAGVDKVVADLTPQNQALLNARDELQAQIDKWHRRRVIEPIDMDA
YRQFLTEIGYLLPEPDDFTITTSGVDAEITTTAGPQLVVPVLNARFALNAANARWGSLYDALYGTDVIPETDGAEKGPTY
NKVRGDKVIAYARKFLDDSVPLSSGSFGDATGFTVQDGQLVVALPDKSTGLANPGQFAGYTGAAESPTSVLLINHGLHIE
ILIDPESQVGTTDRAGVKDVILESAITTIMDFEDSVAAVDAADKVLGYRNWLGLNKGDLAAAVDKDGTAFLRVLNRDRNY
TAPGGGQFTLPGRSLMFVRNVGHLMTNDAIVDTDGSEVFEGIMDALFTGLIAIHGLKASDVNGPLINSRTGSIYIVKPKM
HGPAEVAFTCELFSRVEDVLGLPQNTMKIGIMDEERRTTVNLKACIKAAADRVVFINTGFLDRTGDEIHTSMEAGPMVRK
GTMKSQPWILAYEDHNVDAGLAAGFSGRAQVGKGMWTMTELMADMVETKIAQPRAGASTAWVPSPTAATLHALHYHQVDV
AAVQQGLAGKRRATIEQLLTIPLAKELAWAPDEIREEVDNNCQSILGYVVRWVDQGVGASKVPDIHDVALMEDRATLRIS
SQLLANWLRHGVITSADVRASLERMAPLVDRQNAGDVAYRPMAPNFDDSIAFLAAQELILSGAQQPNGYTEPILHRRRRE
FKARAAEKPAPSDRAGDDAAR
;
_entity_poly.pdbx_strand_id   A
#
# COMPACT_ATOMS: atom_id res chain seq x y z
N THR A 2 35.90 2.12 -12.11
CA THR A 2 35.74 1.70 -10.71
C THR A 2 34.94 0.38 -10.64
N ASP A 3 33.62 0.51 -10.52
CA ASP A 3 32.73 -0.64 -10.52
C ASP A 3 31.59 -0.46 -11.52
N ARG A 4 31.89 -0.04 -12.74
CA ARG A 4 30.89 -0.03 -13.79
C ARG A 4 31.20 -0.94 -14.96
N VAL A 5 30.19 -1.68 -15.39
CA VAL A 5 30.29 -2.59 -16.52
C VAL A 5 29.75 -1.89 -17.75
N SER A 6 30.30 -2.23 -18.92
CA SER A 6 29.98 -1.54 -20.16
C SER A 6 29.05 -2.34 -21.07
N VAL A 7 27.77 -1.98 -21.08
CA VAL A 7 26.82 -2.63 -21.95
C VAL A 7 26.20 -1.61 -22.87
N GLY A 8 26.71 -1.56 -24.09
CA GLY A 8 26.24 -0.62 -25.08
C GLY A 8 26.46 0.80 -24.62
N ASN A 9 25.38 1.55 -24.62
CA ASN A 9 25.37 2.95 -24.22
C ASN A 9 25.33 3.09 -22.69
N LEU A 10 25.17 1.97 -22.00
CA LEU A 10 24.96 1.98 -20.56
C LEU A 10 26.17 1.54 -19.76
N ARG A 11 26.45 2.24 -18.67
CA ARG A 11 27.47 1.82 -17.71
C ARG A 11 26.83 1.33 -16.39
N ILE A 12 26.59 0.02 -16.28
CA ILE A 12 25.87 -0.54 -15.14
C ILE A 12 26.78 -0.70 -13.95
N ALA A 13 26.25 -0.48 -12.75
CA ALA A 13 27.04 -0.70 -11.56
C ALA A 13 27.31 -2.20 -11.39
N ARG A 14 28.52 -2.52 -10.97
CA ARG A 14 28.98 -3.90 -10.88
C ARG A 14 28.11 -4.76 -9.96
N VAL A 15 27.75 -4.20 -8.80
CA VAL A 15 26.94 -4.90 -7.82
C VAL A 15 25.60 -5.30 -8.42
N LEU A 16 25.07 -4.44 -9.28
CA LEU A 16 23.83 -4.69 -9.95
C LEU A 16 24.06 -5.71 -11.05
N TYR A 17 25.12 -5.49 -11.81
CA TYR A 17 25.43 -6.39 -12.91
C TYR A 17 25.68 -7.81 -12.42
N ASP A 18 26.48 -7.94 -11.36
CA ASP A 18 26.72 -9.26 -10.75
C ASP A 18 25.44 -9.91 -10.21
N PHE A 19 24.68 -9.16 -9.43
CA PHE A 19 23.45 -9.69 -8.86
C PHE A 19 22.53 -10.24 -9.94
N VAL A 20 22.30 -9.45 -10.99
CA VAL A 20 21.36 -9.86 -12.02
C VAL A 20 21.83 -11.10 -12.73
N ASN A 21 23.12 -11.11 -13.08
CA ASN A 21 23.76 -12.25 -13.73
C ASN A 21 23.70 -13.55 -12.95
N ASN A 22 24.25 -13.54 -11.75
CA ASN A 22 24.42 -14.76 -10.97
C ASN A 22 23.16 -15.17 -10.22
N GLU A 23 22.29 -14.21 -9.90
CA GLU A 23 21.13 -14.49 -9.04
C GLU A 23 19.80 -14.47 -9.78
N ALA A 24 19.58 -13.44 -10.59
CA ALA A 24 18.26 -13.25 -11.20
C ALA A 24 18.07 -14.09 -12.44
N LEU A 25 19.06 -14.04 -13.32
CA LEU A 25 18.97 -14.73 -14.62
C LEU A 25 18.91 -16.27 -14.61
N PRO A 26 19.72 -16.94 -13.76
CA PRO A 26 19.68 -18.40 -13.88
C PRO A 26 18.30 -18.96 -13.58
N GLY A 27 17.79 -19.80 -14.48
CA GLY A 27 16.50 -20.41 -14.28
C GLY A 27 15.44 -19.67 -15.10
N THR A 28 15.79 -18.48 -15.56
CA THR A 28 14.83 -17.69 -16.31
C THR A 28 14.79 -18.11 -17.76
N ASP A 29 15.72 -18.98 -18.13
CA ASP A 29 15.86 -19.44 -19.53
C ASP A 29 15.97 -18.25 -20.46
N ILE A 30 16.85 -17.31 -20.11
CA ILE A 30 17.07 -16.08 -20.87
C ILE A 30 18.57 -15.81 -20.94
N ASP A 31 19.08 -15.72 -22.16
CA ASP A 31 20.51 -15.55 -22.39
C ASP A 31 20.98 -14.23 -21.75
N PRO A 32 21.96 -14.32 -20.85
CA PRO A 32 22.42 -13.18 -20.05
C PRO A 32 23.02 -12.06 -20.85
N ASP A 33 22.77 -12.05 -22.15
CA ASP A 33 23.45 -11.14 -23.06
C ASP A 33 22.41 -10.51 -23.97
N SER A 34 21.40 -11.29 -24.32
CA SER A 34 20.23 -10.76 -25.01
C SER A 34 19.43 -9.86 -24.05
N PHE A 35 19.58 -10.13 -22.75
CA PHE A 35 18.89 -9.36 -21.72
C PHE A 35 19.44 -7.96 -21.66
N TRP A 36 20.72 -7.84 -21.31
CA TRP A 36 21.37 -6.54 -21.20
C TRP A 36 21.28 -5.71 -22.48
N ALA A 37 21.28 -6.38 -23.62
CA ALA A 37 21.04 -5.70 -24.89
C ALA A 37 19.67 -5.09 -24.86
N GLY A 38 18.69 -5.89 -24.42
CA GLY A 38 17.33 -5.40 -24.26
C GLY A 38 17.25 -4.28 -23.25
N VAL A 39 18.01 -4.34 -22.17
CA VAL A 39 18.04 -3.23 -21.25
C VAL A 39 18.54 -2.00 -22.00
N ASP A 40 19.66 -2.12 -22.70
CA ASP A 40 20.24 -1.02 -23.47
C ASP A 40 19.26 -0.46 -24.51
N LYS A 41 18.63 -1.34 -25.26
CA LYS A 41 17.70 -0.94 -26.30
C LYS A 41 16.50 -0.19 -25.72
N VAL A 42 15.80 -0.84 -24.78
CA VAL A 42 14.63 -0.28 -24.10
C VAL A 42 14.90 1.07 -23.44
N VAL A 43 16.01 1.17 -22.72
CA VAL A 43 16.42 2.43 -22.14
C VAL A 43 16.57 3.50 -23.21
N ALA A 44 17.32 3.19 -24.26
CA ALA A 44 17.60 4.14 -25.34
C ALA A 44 16.33 4.59 -26.04
N ASP A 45 15.49 3.62 -26.40
CA ASP A 45 14.28 3.90 -27.17
C ASP A 45 13.16 4.57 -26.38
N LEU A 46 13.07 4.29 -25.08
CA LEU A 46 11.95 4.79 -24.29
C LEU A 46 12.25 6.03 -23.44
N THR A 47 13.53 6.29 -23.14
CA THR A 47 13.95 7.47 -22.35
C THR A 47 13.44 8.83 -22.87
N PRO A 48 13.48 9.06 -24.20
CA PRO A 48 12.78 10.22 -24.76
C PRO A 48 11.37 10.47 -24.21
N GLN A 49 10.43 9.56 -24.46
CA GLN A 49 9.02 9.79 -24.13
C GLN A 49 8.82 10.04 -22.64
N ASN A 50 9.57 9.31 -21.83
CA ASN A 50 9.57 9.50 -20.39
C ASN A 50 9.89 10.97 -20.08
N GLN A 51 10.94 11.49 -20.70
CA GLN A 51 11.40 12.85 -20.45
C GLN A 51 10.42 13.88 -21.03
N ALA A 52 9.74 13.52 -22.11
CA ALA A 52 8.75 14.39 -22.70
C ALA A 52 7.51 14.53 -21.78
N LEU A 53 7.07 13.41 -21.22
CA LEU A 53 5.95 13.42 -20.28
C LEU A 53 6.20 14.24 -19.01
N LEU A 54 7.41 14.21 -18.49
CA LEU A 54 7.76 15.01 -17.33
C LEU A 54 7.75 16.49 -17.66
N ASN A 55 8.15 16.81 -18.88
CA ASN A 55 8.10 18.19 -19.37
C ASN A 55 6.66 18.66 -19.46
N ALA A 56 5.78 17.78 -19.96
CA ALA A 56 4.34 18.09 -20.00
C ALA A 56 3.77 18.49 -18.63
N ARG A 57 4.10 17.72 -17.59
CA ARG A 57 3.70 18.07 -16.24
C ARG A 57 4.11 19.50 -15.89
N ASP A 58 5.38 19.83 -16.08
CA ASP A 58 5.93 21.13 -15.71
C ASP A 58 5.33 22.30 -16.47
N GLU A 59 5.16 22.12 -17.77
CA GLU A 59 4.51 23.10 -18.63
C GLU A 59 3.09 23.39 -18.13
N LEU A 60 2.33 22.33 -17.85
CA LEU A 60 0.97 22.44 -17.31
C LEU A 60 0.93 23.11 -15.96
N GLN A 61 1.85 22.71 -15.09
CA GLN A 61 1.92 23.26 -13.74
C GLN A 61 2.13 24.77 -13.73
N ALA A 62 2.85 25.26 -14.75
CA ALA A 62 3.25 26.66 -14.79
C ALA A 62 2.12 27.54 -15.31
N GLN A 63 1.31 27.00 -16.22
CA GLN A 63 0.15 27.72 -16.72
C GLN A 63 -0.87 27.89 -15.60
N ILE A 64 -0.99 26.86 -14.77
CA ILE A 64 -1.87 26.91 -13.61
C ILE A 64 -1.35 27.90 -12.56
N ASP A 65 -0.05 27.87 -12.29
CA ASP A 65 0.58 28.85 -11.41
C ASP A 65 0.29 30.28 -11.86
N LYS A 66 0.23 30.48 -13.17
CA LYS A 66 0.01 31.80 -13.75
C LYS A 66 -1.44 32.27 -13.58
N TRP A 67 -2.36 31.46 -14.07
CA TRP A 67 -3.80 31.71 -13.98
C TRP A 67 -4.25 32.10 -12.57
N HIS A 68 -3.58 31.56 -11.54
CA HIS A 68 -3.91 31.90 -10.16
C HIS A 68 -3.21 33.19 -9.69
N ARG A 69 -1.96 33.37 -10.10
CA ARG A 69 -1.21 34.58 -9.78
C ARG A 69 -1.97 35.78 -10.34
N ARG A 70 -2.58 35.57 -11.48
CA ARG A 70 -3.34 36.60 -12.15
C ARG A 70 -4.81 36.56 -11.68
N ARG A 71 -4.99 36.29 -10.40
CA ARG A 71 -6.31 36.30 -9.74
C ARG A 71 -7.37 35.43 -10.44
N PRO A 75 -12.70 35.51 -4.68
CA PRO A 75 -13.17 35.31 -6.06
C PRO A 75 -13.34 33.83 -6.44
N ILE A 76 -12.31 33.27 -7.08
CA ILE A 76 -12.30 31.90 -7.66
C ILE A 76 -13.58 31.40 -8.35
N ASP A 77 -13.65 31.60 -9.66
CA ASP A 77 -14.78 31.20 -10.49
C ASP A 77 -14.62 29.78 -11.03
N MET A 78 -15.50 28.88 -10.60
CA MET A 78 -15.46 27.46 -11.00
C MET A 78 -15.58 27.20 -12.51
N ASP A 79 -16.56 27.85 -13.15
CA ASP A 79 -16.80 27.64 -14.58
C ASP A 79 -15.64 28.15 -15.44
N ALA A 80 -14.92 29.15 -14.93
CA ALA A 80 -13.75 29.70 -15.61
C ALA A 80 -12.57 28.73 -15.48
N TYR A 81 -12.36 28.26 -14.25
CA TYR A 81 -11.31 27.33 -13.92
C TYR A 81 -11.48 26.06 -14.74
N ARG A 82 -12.72 25.67 -14.95
CA ARG A 82 -13.01 24.46 -15.70
C ARG A 82 -12.70 24.65 -17.18
N GLN A 83 -13.10 25.78 -17.76
CA GLN A 83 -12.84 26.04 -19.18
C GLN A 83 -11.34 26.13 -19.44
N PHE A 84 -10.64 26.82 -18.55
CA PHE A 84 -9.19 26.96 -18.66
C PHE A 84 -8.50 25.60 -18.73
N LEU A 85 -8.76 24.75 -17.74
CA LEU A 85 -8.18 23.40 -17.71
C LEU A 85 -8.43 22.61 -18.99
N THR A 86 -9.64 22.74 -19.56
CA THR A 86 -9.94 22.07 -20.81
C THR A 86 -9.07 22.64 -21.94
N GLU A 87 -8.94 23.96 -21.93
CA GLU A 87 -8.19 24.68 -22.95
C GLU A 87 -6.74 24.20 -23.02
N ILE A 88 -6.17 23.85 -21.86
CA ILE A 88 -4.75 23.52 -21.79
C ILE A 88 -4.44 22.02 -21.89
N GLY A 89 -5.47 21.22 -22.15
CA GLY A 89 -5.29 19.79 -22.31
C GLY A 89 -5.23 19.06 -20.98
N TYR A 90 -5.23 19.82 -19.90
CA TYR A 90 -5.26 19.26 -18.56
C TYR A 90 -6.44 18.32 -18.45
N LEU A 91 -7.60 18.83 -18.87
CA LEU A 91 -8.87 18.18 -18.63
C LEU A 91 -9.38 17.61 -19.94
N LEU A 92 -8.93 16.41 -20.25
CA LEU A 92 -9.29 15.75 -21.49
C LEU A 92 -10.74 15.35 -21.47
N PRO A 93 -11.35 15.19 -22.66
CA PRO A 93 -12.73 14.70 -22.76
C PRO A 93 -12.86 13.25 -22.31
N GLU A 94 -14.04 12.86 -21.82
CA GLU A 94 -14.29 11.52 -21.32
C GLU A 94 -14.70 10.53 -22.43
N PRO A 95 -13.98 9.40 -22.52
CA PRO A 95 -14.26 8.41 -23.58
C PRO A 95 -15.61 7.73 -23.41
N ASP A 96 -16.03 7.00 -24.45
CA ASP A 96 -17.25 6.20 -24.41
C ASP A 96 -17.09 5.08 -23.40
N ASP A 97 -18.20 4.69 -22.79
CA ASP A 97 -18.15 3.57 -21.84
C ASP A 97 -17.59 2.28 -22.47
N PHE A 98 -16.99 1.45 -21.62
CA PHE A 98 -16.29 0.26 -22.06
C PHE A 98 -16.14 -0.69 -20.89
N THR A 99 -15.60 -1.86 -21.15
CA THR A 99 -15.33 -2.83 -20.11
C THR A 99 -13.90 -3.36 -20.28
N ILE A 100 -13.18 -3.55 -19.18
CA ILE A 100 -11.78 -3.97 -19.25
C ILE A 100 -11.69 -5.40 -19.76
N THR A 101 -10.54 -5.77 -20.28
CA THR A 101 -10.37 -7.05 -20.95
C THR A 101 -9.22 -7.85 -20.37
N THR A 102 -8.86 -7.57 -19.13
CA THR A 102 -7.71 -8.24 -18.52
C THR A 102 -8.05 -9.70 -18.26
N SER A 103 -7.07 -10.57 -18.41
CA SER A 103 -7.27 -11.99 -18.19
C SER A 103 -6.01 -12.58 -17.59
N GLY A 104 -6.07 -13.83 -17.17
CA GLY A 104 -4.93 -14.45 -16.54
C GLY A 104 -4.72 -13.93 -15.12
N VAL A 105 -5.81 -13.47 -14.51
CA VAL A 105 -5.73 -12.92 -13.16
C VAL A 105 -6.21 -13.94 -12.12
N ASP A 106 -5.51 -13.98 -10.98
CA ASP A 106 -5.82 -14.89 -9.90
C ASP A 106 -7.07 -14.47 -9.15
N ALA A 107 -7.61 -15.41 -8.38
CA ALA A 107 -8.91 -15.22 -7.74
C ALA A 107 -8.83 -14.22 -6.60
N GLU A 108 -7.62 -14.04 -6.06
CA GLU A 108 -7.38 -13.10 -4.97
C GLU A 108 -7.68 -11.69 -5.39
N ILE A 109 -7.66 -11.46 -6.71
CA ILE A 109 -7.88 -10.13 -7.25
C ILE A 109 -9.22 -10.00 -7.96
N THR A 110 -9.59 -10.99 -8.77
CA THR A 110 -10.82 -10.87 -9.54
C THR A 110 -12.06 -11.04 -8.67
N THR A 111 -11.93 -11.77 -7.58
CA THR A 111 -13.13 -12.25 -6.91
C THR A 111 -13.14 -12.00 -5.41
N THR A 112 -12.04 -12.31 -4.74
CA THR A 112 -12.01 -12.18 -3.30
C THR A 112 -12.08 -10.71 -2.90
N ALA A 113 -12.64 -10.43 -1.73
CA ALA A 113 -12.57 -9.09 -1.15
C ALA A 113 -11.94 -9.19 0.23
N GLY A 114 -11.01 -8.30 0.52
CA GLY A 114 -10.28 -8.39 1.76
C GLY A 114 -9.09 -7.46 1.78
N PRO A 115 -8.50 -7.28 2.96
CA PRO A 115 -7.44 -6.29 3.15
C PRO A 115 -6.22 -6.54 2.26
N GLN A 116 -5.50 -5.46 1.96
CA GLN A 116 -4.29 -5.52 1.17
C GLN A 116 -3.15 -4.93 1.98
N LEU A 117 -2.04 -5.64 2.07
CA LEU A 117 -0.96 -5.23 2.96
C LEU A 117 0.20 -4.62 2.19
N VAL A 118 0.77 -3.52 2.69
CA VAL A 118 1.91 -2.89 2.04
C VAL A 118 3.12 -2.91 2.95
N VAL A 119 4.20 -3.53 2.48
CA VAL A 119 5.39 -3.72 3.28
C VAL A 119 6.62 -3.28 2.49
N PRO A 120 7.61 -2.67 3.16
CA PRO A 120 8.85 -2.27 2.48
C PRO A 120 9.73 -3.46 2.10
N VAL A 121 10.06 -3.57 0.82
CA VAL A 121 10.76 -4.75 0.32
C VAL A 121 12.22 -4.89 0.79
N LEU A 122 12.83 -3.79 1.21
CA LEU A 122 14.19 -3.85 1.75
C LEU A 122 14.23 -4.42 3.17
N ASN A 123 13.07 -4.71 3.74
CA ASN A 123 13.06 -5.36 5.04
C ASN A 123 12.52 -6.77 4.96
N ALA A 124 13.43 -7.73 4.89
CA ALA A 124 13.07 -9.13 4.65
C ALA A 124 12.20 -9.68 5.76
N ARG A 125 12.53 -9.31 6.99
CA ARG A 125 11.74 -9.72 8.15
C ARG A 125 10.28 -9.24 8.03
N PHE A 126 10.09 -7.98 7.69
CA PHE A 126 8.74 -7.48 7.42
C PHE A 126 8.14 -8.18 6.21
N ALA A 127 8.94 -8.34 5.16
CA ALA A 127 8.46 -8.91 3.90
C ALA A 127 8.02 -10.37 4.04
N LEU A 128 8.77 -11.16 4.81
CA LEU A 128 8.34 -12.51 5.21
C LEU A 128 6.98 -12.54 5.94
N ASN A 129 6.86 -11.75 7.00
CA ASN A 129 5.64 -11.71 7.77
C ASN A 129 4.44 -11.33 6.94
N ALA A 130 4.65 -10.35 6.05
CA ALA A 130 3.60 -9.86 5.17
C ALA A 130 3.13 -10.97 4.22
N ALA A 131 4.07 -11.76 3.75
CA ALA A 131 3.73 -12.86 2.86
C ALA A 131 2.99 -13.92 3.65
N ASN A 132 3.38 -14.07 4.91
CA ASN A 132 2.80 -15.07 5.79
C ASN A 132 1.49 -14.62 6.43
N ALA A 133 1.11 -13.37 6.19
CA ALA A 133 -0.08 -12.77 6.79
C ALA A 133 -1.40 -13.10 6.06
N ARG A 134 -1.35 -14.06 5.14
CA ARG A 134 -2.56 -14.55 4.48
C ARG A 134 -3.48 -15.13 5.55
N TRP A 135 -2.87 -15.71 6.57
CA TRP A 135 -3.60 -16.28 7.70
C TRP A 135 -3.07 -15.69 8.98
N GLY A 136 -3.97 -15.27 9.86
CA GLY A 136 -3.56 -14.69 11.14
C GLY A 136 -4.51 -14.98 12.30
N SER A 137 -3.93 -15.04 13.49
CA SER A 137 -4.70 -15.33 14.70
C SER A 137 -5.56 -14.14 15.12
N LEU A 138 -6.85 -14.40 15.38
CA LEU A 138 -7.76 -13.37 15.84
C LEU A 138 -7.63 -13.15 17.36
N TYR A 139 -7.19 -14.18 18.06
CA TYR A 139 -6.97 -14.04 19.49
C TYR A 139 -5.79 -13.11 19.72
N ASP A 140 -4.69 -13.33 18.99
CA ASP A 140 -3.51 -12.46 19.07
C ASP A 140 -3.87 -11.01 18.84
N ALA A 141 -4.48 -10.76 17.70
CA ALA A 141 -4.84 -9.41 17.28
C ALA A 141 -5.78 -8.73 18.28
N LEU A 142 -6.77 -9.45 18.80
CA LEU A 142 -7.65 -8.86 19.80
C LEU A 142 -6.92 -8.65 21.13
N TYR A 143 -6.13 -9.62 21.55
CA TYR A 143 -5.48 -9.55 22.85
C TYR A 143 -4.38 -8.51 22.90
N GLY A 144 -3.60 -8.41 21.83
CA GLY A 144 -2.46 -7.51 21.79
C GLY A 144 -2.76 -6.05 21.57
N THR A 145 -3.90 -5.75 20.95
CA THR A 145 -4.29 -4.37 20.67
C THR A 145 -5.46 -3.88 21.53
N ASP A 146 -5.78 -2.59 21.40
CA ASP A 146 -6.80 -1.99 22.26
C ASP A 146 -8.21 -2.20 21.72
N VAL A 147 -8.40 -3.26 20.95
CA VAL A 147 -9.73 -3.55 20.45
C VAL A 147 -10.52 -4.02 21.65
N ILE A 148 -9.85 -4.77 22.51
CA ILE A 148 -10.37 -5.12 23.83
C ILE A 148 -9.80 -4.15 24.84
N PRO A 149 -10.65 -3.27 25.35
CA PRO A 149 -10.17 -2.16 26.16
C PRO A 149 -9.43 -2.62 27.41
N GLU A 150 -8.24 -2.05 27.62
CA GLU A 150 -7.49 -2.25 28.85
C GLU A 150 -8.09 -1.37 29.91
N THR A 151 -9.24 -1.82 30.40
CA THR A 151 -9.97 -1.09 31.41
C THR A 151 -9.39 -1.48 32.76
N ASP A 152 -10.18 -2.17 33.57
CA ASP A 152 -9.70 -2.70 34.84
C ASP A 152 -9.93 -4.20 34.83
N GLY A 153 -8.97 -4.95 35.36
CA GLY A 153 -9.02 -6.41 35.30
C GLY A 153 -8.42 -6.90 34.00
N ALA A 154 -8.70 -6.17 32.92
CA ALA A 154 -8.30 -6.57 31.58
C ALA A 154 -6.97 -5.96 31.15
N GLU A 155 -6.21 -5.45 32.10
CA GLU A 155 -4.94 -4.80 31.80
C GLU A 155 -3.98 -5.83 31.24
N LYS A 156 -3.11 -5.39 30.33
CA LYS A 156 -2.18 -6.28 29.65
C LYS A 156 -0.79 -6.21 30.25
N GLY A 157 -0.46 -7.16 31.12
CA GLY A 157 0.82 -7.20 31.80
C GLY A 157 1.81 -8.22 31.24
N PRO A 158 2.90 -8.46 31.97
CA PRO A 158 3.96 -9.40 31.54
C PRO A 158 3.50 -10.85 31.35
N THR A 159 2.45 -11.29 32.05
CA THR A 159 1.90 -12.63 31.85
C THR A 159 0.47 -12.60 31.30
N TYR A 160 -0.02 -13.76 30.89
CA TYR A 160 -1.36 -13.85 30.32
C TYR A 160 -2.50 -13.58 31.33
N ASN A 161 -3.39 -12.67 30.95
CA ASN A 161 -4.52 -12.24 31.79
C ASN A 161 -5.81 -12.98 31.41
N LYS A 162 -6.27 -13.85 32.30
CA LYS A 162 -7.46 -14.66 32.05
C LYS A 162 -8.73 -13.82 31.80
N VAL A 163 -8.91 -12.73 32.54
CA VAL A 163 -10.08 -11.88 32.33
C VAL A 163 -10.05 -11.28 30.92
N ARG A 164 -8.88 -10.76 30.54
CA ARG A 164 -8.67 -10.25 29.17
C ARG A 164 -8.86 -11.34 28.12
N GLY A 165 -8.35 -12.52 28.39
CA GLY A 165 -8.53 -13.63 27.50
C GLY A 165 -9.98 -14.02 27.32
N ASP A 166 -10.76 -14.00 28.41
CA ASP A 166 -12.18 -14.27 28.30
C ASP A 166 -12.86 -13.22 27.44
N LYS A 167 -12.40 -11.98 27.59
CA LYS A 167 -12.93 -10.88 26.80
C LYS A 167 -12.64 -11.07 25.31
N VAL A 168 -11.44 -11.55 24.99
CA VAL A 168 -11.10 -11.83 23.60
C VAL A 168 -12.03 -12.90 23.06
N ILE A 169 -12.04 -14.04 23.75
CA ILE A 169 -12.86 -15.19 23.40
C ILE A 169 -14.33 -14.82 23.13
N ALA A 170 -14.93 -14.01 23.99
CA ALA A 170 -16.30 -13.57 23.78
C ALA A 170 -16.45 -12.76 22.49
N TYR A 171 -15.46 -11.91 22.22
CA TYR A 171 -15.46 -11.11 21.00
C TYR A 171 -15.48 -12.03 19.78
N ALA A 172 -14.60 -13.04 19.80
CA ALA A 172 -14.49 -13.97 18.70
C ALA A 172 -15.75 -14.84 18.55
N ARG A 173 -16.38 -15.18 19.67
CA ARG A 173 -17.62 -15.97 19.63
C ARG A 173 -18.73 -15.14 19.02
N LYS A 174 -18.76 -13.86 19.36
CA LYS A 174 -19.80 -13.01 18.83
C LYS A 174 -19.56 -12.82 17.33
N PHE A 175 -18.29 -12.87 16.92
CA PHE A 175 -17.94 -12.72 15.52
C PHE A 175 -18.42 -13.93 14.72
N LEU A 176 -18.18 -15.11 15.28
CA LEU A 176 -18.63 -16.35 14.69
C LEU A 176 -20.14 -16.33 14.45
N ASP A 177 -20.89 -15.91 15.46
CA ASP A 177 -22.36 -15.81 15.39
C ASP A 177 -22.85 -14.91 14.28
N ASP A 178 -22.12 -13.83 14.03
CA ASP A 178 -22.56 -12.82 13.06
C ASP A 178 -22.03 -13.12 11.68
N SER A 179 -21.29 -14.21 11.53
CA SER A 179 -20.67 -14.54 10.26
C SER A 179 -21.15 -15.87 9.70
N VAL A 180 -20.92 -16.93 10.44
CA VAL A 180 -21.44 -18.23 10.10
C VAL A 180 -22.48 -18.57 11.15
N PRO A 181 -23.70 -18.03 10.99
CA PRO A 181 -24.74 -18.16 12.02
C PRO A 181 -25.25 -19.59 12.15
N LEU A 182 -25.64 -19.97 13.37
CA LEU A 182 -26.26 -21.27 13.63
C LEU A 182 -27.76 -21.17 13.40
N SER A 183 -28.37 -22.28 12.95
CA SER A 183 -29.81 -22.33 12.74
C SER A 183 -30.54 -22.19 14.08
N SER A 184 -29.91 -22.71 15.13
CA SER A 184 -30.40 -22.44 16.48
C SER A 184 -29.24 -22.36 17.48
N GLY A 185 -29.26 -21.32 18.32
CA GLY A 185 -28.27 -21.16 19.37
C GLY A 185 -27.22 -20.08 19.11
N SER A 186 -26.01 -20.33 19.61
CA SER A 186 -24.93 -19.36 19.53
C SER A 186 -23.63 -20.05 19.89
N PHE A 187 -22.58 -19.74 19.13
CA PHE A 187 -21.28 -20.35 19.34
C PHE A 187 -20.76 -20.21 20.78
N GLY A 188 -21.20 -19.15 21.46
CA GLY A 188 -20.77 -18.88 22.82
C GLY A 188 -21.29 -19.86 23.85
N ASP A 189 -22.19 -20.74 23.43
CA ASP A 189 -22.72 -21.78 24.32
C ASP A 189 -22.27 -23.18 23.87
N ALA A 190 -21.54 -23.21 22.76
CA ALA A 190 -21.07 -24.47 22.16
C ALA A 190 -20.19 -25.26 23.09
N THR A 191 -20.20 -26.59 22.95
CA THR A 191 -19.38 -27.46 23.79
C THR A 191 -18.51 -28.44 23.00
N GLY A 192 -18.81 -28.61 21.71
CA GLY A 192 -18.04 -29.53 20.91
C GLY A 192 -18.28 -29.37 19.43
N PHE A 193 -17.36 -29.89 18.62
CA PHE A 193 -17.49 -29.85 17.17
C PHE A 193 -17.20 -31.23 16.59
N THR A 194 -18.13 -31.75 15.80
CA THR A 194 -17.88 -32.98 15.04
C THR A 194 -18.40 -32.83 13.63
N VAL A 195 -17.83 -33.62 12.72
CA VAL A 195 -18.35 -33.70 11.36
C VAL A 195 -18.95 -35.08 11.08
N GLN A 196 -20.22 -35.10 10.69
CA GLN A 196 -20.95 -36.34 10.49
C GLN A 196 -21.71 -36.30 9.17
N ASP A 197 -21.25 -37.10 8.21
CA ASP A 197 -21.83 -37.16 6.88
C ASP A 197 -21.77 -35.80 6.16
N GLY A 198 -20.60 -35.19 6.18
CA GLY A 198 -20.34 -33.98 5.41
C GLY A 198 -20.92 -32.70 5.99
N GLN A 199 -21.93 -32.84 6.83
CA GLN A 199 -22.46 -31.70 7.57
C GLN A 199 -21.66 -31.51 8.86
N LEU A 200 -21.69 -30.29 9.39
CA LEU A 200 -21.03 -29.96 10.65
C LEU A 200 -22.06 -29.74 11.73
N VAL A 201 -21.93 -30.49 12.82
CA VAL A 201 -22.85 -30.35 13.95
C VAL A 201 -22.18 -29.76 15.19
N VAL A 202 -22.77 -28.68 15.70
CA VAL A 202 -22.26 -28.03 16.89
C VAL A 202 -23.00 -28.56 18.12
N ALA A 203 -22.25 -29.14 19.05
CA ALA A 203 -22.81 -29.66 20.29
C ALA A 203 -23.20 -28.53 21.26
N LEU A 204 -24.50 -28.24 21.36
CA LEU A 204 -25.02 -27.28 22.33
C LEU A 204 -25.24 -27.96 23.69
N PRO A 205 -25.43 -27.19 24.77
CA PRO A 205 -25.54 -27.88 26.05
C PRO A 205 -26.84 -28.68 26.17
N ASP A 206 -27.85 -28.28 25.41
CA ASP A 206 -29.18 -28.91 25.49
C ASP A 206 -29.54 -29.73 24.26
N LYS A 207 -28.78 -29.57 23.17
CA LYS A 207 -29.05 -30.29 21.92
C LYS A 207 -27.88 -30.15 20.94
N SER A 208 -28.19 -30.24 19.64
CA SER A 208 -27.22 -29.97 18.58
C SER A 208 -27.86 -29.14 17.49
N THR A 209 -27.03 -28.50 16.67
CA THR A 209 -27.51 -27.68 15.57
C THR A 209 -26.44 -27.71 14.48
N GLY A 210 -26.80 -27.27 13.29
CA GLY A 210 -25.84 -27.11 12.22
C GLY A 210 -25.76 -25.63 11.88
N LEU A 211 -25.04 -25.28 10.84
CA LEU A 211 -25.00 -23.89 10.41
C LEU A 211 -26.31 -23.61 9.71
N ALA A 212 -26.77 -22.37 9.76
CA ALA A 212 -27.98 -21.96 9.06
C ALA A 212 -27.76 -22.16 7.59
N ASN A 213 -26.62 -21.66 7.12
CA ASN A 213 -26.16 -21.95 5.79
C ASN A 213 -25.06 -22.99 5.85
N PRO A 214 -25.40 -24.26 5.61
CA PRO A 214 -24.46 -25.38 5.71
C PRO A 214 -23.31 -25.27 4.72
N GLY A 215 -23.50 -24.47 3.66
CA GLY A 215 -22.49 -24.32 2.63
C GLY A 215 -21.26 -23.56 3.11
N GLN A 216 -21.43 -22.82 4.20
CA GLN A 216 -20.35 -22.09 4.83
C GLN A 216 -19.35 -23.02 5.50
N PHE A 217 -19.62 -24.32 5.48
CA PHE A 217 -18.69 -25.33 5.99
C PHE A 217 -17.71 -25.76 4.91
N ALA A 218 -16.42 -25.46 5.10
CA ALA A 218 -15.44 -25.58 4.02
C ALA A 218 -14.51 -26.77 4.14
N GLY A 219 -14.40 -27.32 5.33
CA GLY A 219 -13.50 -28.44 5.53
C GLY A 219 -13.16 -28.67 6.99
N TYR A 220 -12.08 -29.40 7.23
CA TYR A 220 -11.61 -29.68 8.58
C TYR A 220 -10.28 -30.40 8.55
N THR A 221 -9.62 -30.49 9.70
CA THR A 221 -8.44 -31.32 9.86
C THR A 221 -8.68 -32.33 10.99
N GLY A 222 -7.83 -33.36 11.08
CA GLY A 222 -8.00 -34.42 12.06
C GLY A 222 -9.26 -35.26 11.84
N ALA A 223 -9.45 -36.28 12.69
CA ALA A 223 -10.58 -37.20 12.55
C ALA A 223 -11.90 -36.47 12.65
N ALA A 224 -12.91 -36.94 11.93
CA ALA A 224 -14.21 -36.26 11.91
C ALA A 224 -14.91 -36.21 13.26
N GLU A 225 -14.50 -37.07 14.18
CA GLU A 225 -15.09 -37.12 15.51
C GLU A 225 -14.39 -36.16 16.47
N SER A 226 -13.06 -36.23 16.50
CA SER A 226 -12.25 -35.27 17.26
C SER A 226 -11.39 -34.42 16.30
N PRO A 227 -12.02 -33.48 15.58
CA PRO A 227 -11.34 -32.68 14.55
C PRO A 227 -10.28 -31.78 15.16
N THR A 228 -9.11 -31.72 14.55
CA THR A 228 -8.09 -30.80 15.02
C THR A 228 -8.59 -29.36 14.80
N SER A 229 -9.14 -29.11 13.61
CA SER A 229 -9.68 -27.79 13.30
C SER A 229 -10.87 -27.89 12.36
N VAL A 230 -11.69 -26.85 12.37
CA VAL A 230 -12.87 -26.75 11.54
C VAL A 230 -12.84 -25.48 10.71
N LEU A 231 -12.98 -25.65 9.39
CA LEU A 231 -12.83 -24.57 8.42
C LEU A 231 -14.17 -24.00 7.99
N LEU A 232 -14.33 -22.70 8.19
CA LEU A 232 -15.55 -22.01 7.81
C LEU A 232 -15.30 -21.05 6.67
N ILE A 233 -16.37 -20.57 6.09
CA ILE A 233 -16.24 -19.62 5.01
C ILE A 233 -17.43 -18.64 5.01
N ASN A 234 -17.09 -17.36 4.83
CA ASN A 234 -18.08 -16.32 4.71
C ASN A 234 -17.51 -15.26 3.76
N HIS A 235 -18.33 -14.85 2.79
CA HIS A 235 -17.94 -13.81 1.84
C HIS A 235 -16.66 -14.12 1.07
N GLY A 236 -16.40 -15.39 0.81
CA GLY A 236 -15.19 -15.79 0.12
C GLY A 236 -13.94 -15.71 0.97
N LEU A 237 -14.10 -15.37 2.25
CA LEU A 237 -12.97 -15.42 3.18
C LEU A 237 -13.12 -16.59 4.16
N HIS A 238 -12.00 -17.26 4.43
CA HIS A 238 -11.98 -18.42 5.32
C HIS A 238 -11.79 -18.09 6.82
N ILE A 239 -12.53 -18.81 7.65
CA ILE A 239 -12.41 -18.77 9.09
C ILE A 239 -11.98 -20.16 9.56
N GLU A 240 -10.96 -20.24 10.41
CA GLU A 240 -10.55 -21.53 10.97
C GLU A 240 -10.61 -21.58 12.48
N ILE A 241 -11.33 -22.57 13.02
CA ILE A 241 -11.40 -22.75 14.46
C ILE A 241 -10.44 -23.85 14.91
N LEU A 242 -9.37 -23.45 15.60
CA LEU A 242 -8.39 -24.41 16.11
C LEU A 242 -8.94 -25.08 17.37
N ILE A 243 -9.07 -26.41 17.35
CA ILE A 243 -9.61 -27.13 18.50
C ILE A 243 -8.57 -27.98 19.23
N ASP A 244 -8.19 -27.55 20.42
CA ASP A 244 -7.28 -28.34 21.25
C ASP A 244 -7.49 -28.06 22.74
N PRO A 245 -8.28 -28.91 23.41
CA PRO A 245 -8.59 -28.73 24.83
C PRO A 245 -7.34 -28.87 25.67
N GLU A 246 -6.41 -29.70 25.20
CA GLU A 246 -5.13 -29.89 25.86
C GLU A 246 -4.38 -28.58 26.11
N SER A 247 -4.64 -27.58 25.28
CA SER A 247 -3.84 -26.35 25.27
C SER A 247 -4.16 -25.39 26.40
N GLN A 248 -3.29 -24.39 26.55
CA GLN A 248 -3.44 -23.36 27.57
C GLN A 248 -4.82 -22.69 27.51
N VAL A 249 -5.07 -21.99 26.41
CA VAL A 249 -6.34 -21.31 26.20
C VAL A 249 -7.44 -22.36 26.03
N GLY A 250 -7.05 -23.55 25.59
CA GLY A 250 -7.99 -24.63 25.31
C GLY A 250 -8.81 -25.10 26.50
N THR A 251 -8.14 -25.44 27.60
CA THR A 251 -8.82 -25.91 28.81
C THR A 251 -9.86 -24.92 29.32
N THR A 252 -9.56 -23.63 29.22
CA THR A 252 -10.47 -22.59 29.72
C THR A 252 -11.67 -22.39 28.81
N ASP A 253 -11.65 -22.99 27.63
CA ASP A 253 -12.73 -22.78 26.65
C ASP A 253 -13.85 -23.84 26.77
N ARG A 254 -15.10 -23.40 26.65
CA ARG A 254 -16.26 -24.29 26.79
C ARG A 254 -16.34 -25.35 25.70
N ALA A 255 -15.59 -25.17 24.61
CA ALA A 255 -15.52 -26.16 23.56
C ALA A 255 -14.07 -26.49 23.20
N GLY A 256 -13.14 -26.06 24.05
CA GLY A 256 -11.73 -26.45 23.96
C GLY A 256 -11.01 -25.81 22.80
N VAL A 257 -11.43 -24.60 22.47
CA VAL A 257 -10.93 -23.91 21.29
C VAL A 257 -9.69 -23.12 21.63
N LYS A 258 -8.62 -23.35 20.87
CA LYS A 258 -7.34 -22.66 21.12
C LYS A 258 -7.27 -21.28 20.44
N ASP A 259 -8.00 -21.13 19.33
CA ASP A 259 -7.86 -19.92 18.52
C ASP A 259 -8.87 -19.86 17.39
N VAL A 260 -9.00 -18.66 16.83
CA VAL A 260 -9.72 -18.48 15.59
C VAL A 260 -8.77 -17.81 14.62
N ILE A 261 -8.49 -18.50 13.53
CA ILE A 261 -7.59 -18.03 12.49
C ILE A 261 -8.42 -17.40 11.37
N LEU A 262 -8.13 -16.15 11.01
CA LEU A 262 -8.82 -15.53 9.89
C LEU A 262 -7.95 -15.44 8.66
N GLU A 263 -8.54 -15.70 7.50
CA GLU A 263 -7.85 -15.38 6.26
C GLU A 263 -7.79 -13.86 6.09
N SER A 264 -6.62 -13.28 6.31
CA SER A 264 -6.48 -11.82 6.42
C SER A 264 -6.00 -11.11 5.14
N ALA A 265 -4.69 -10.86 5.07
CA ALA A 265 -4.08 -10.17 3.92
C ALA A 265 -4.11 -11.04 2.67
N ILE A 266 -5.18 -10.93 1.88
CA ILE A 266 -5.31 -11.75 0.67
C ILE A 266 -4.22 -11.41 -0.34
N THR A 267 -3.93 -10.12 -0.48
CA THR A 267 -2.79 -9.68 -1.28
C THR A 267 -1.83 -8.84 -0.45
N THR A 268 -0.57 -8.80 -0.88
CA THR A 268 0.43 -7.92 -0.30
C THR A 268 1.16 -7.18 -1.41
N ILE A 269 1.54 -5.94 -1.13
CA ILE A 269 2.34 -5.15 -2.03
C ILE A 269 3.73 -4.98 -1.46
N MET A 270 4.71 -5.60 -2.11
CA MET A 270 6.11 -5.48 -1.72
C MET A 270 6.58 -4.20 -2.36
N ASP A 271 7.18 -3.30 -1.57
CA ASP A 271 7.29 -1.91 -2.00
C ASP A 271 8.70 -1.43 -2.31
N PHE A 272 8.88 -0.80 -3.46
CA PHE A 272 10.16 -0.18 -3.82
C PHE A 272 10.03 1.32 -3.81
N GLU A 273 8.83 1.81 -3.54
CA GLU A 273 8.56 3.22 -3.59
C GLU A 273 8.57 3.83 -2.19
N ASP A 274 7.49 4.51 -1.82
CA ASP A 274 7.48 5.44 -0.69
C ASP A 274 7.80 4.86 0.70
N SER A 275 7.79 3.55 0.84
CA SER A 275 8.13 2.94 2.12
C SER A 275 9.60 2.50 2.26
N VAL A 276 10.42 2.81 1.26
CA VAL A 276 11.85 2.48 1.35
C VAL A 276 12.76 3.66 1.00
N ALA A 277 13.95 3.67 1.58
CA ALA A 277 14.96 4.66 1.23
C ALA A 277 16.07 3.98 0.44
N ALA A 278 16.00 4.04 -0.88
CA ALA A 278 16.97 3.35 -1.70
C ALA A 278 17.49 4.29 -2.76
N VAL A 279 18.72 4.77 -2.54
CA VAL A 279 19.25 5.89 -3.31
C VAL A 279 20.40 5.51 -4.23
N ASP A 280 20.81 4.24 -4.20
CA ASP A 280 21.94 3.78 -5.00
C ASP A 280 21.79 2.32 -5.45
N ALA A 281 22.81 1.82 -6.13
CA ALA A 281 22.75 0.46 -6.65
C ALA A 281 22.86 -0.53 -5.51
N ALA A 282 23.62 -0.17 -4.49
CA ALA A 282 23.71 -0.97 -3.28
C ALA A 282 22.33 -1.19 -2.69
N ASP A 283 21.58 -0.10 -2.55
CA ASP A 283 20.25 -0.14 -1.94
C ASP A 283 19.25 -0.94 -2.76
N LYS A 284 19.24 -0.69 -4.06
CA LYS A 284 18.34 -1.37 -4.98
C LYS A 284 18.61 -2.85 -5.09
N VAL A 285 19.88 -3.24 -4.96
CA VAL A 285 20.22 -4.66 -5.01
C VAL A 285 19.63 -5.45 -3.82
N LEU A 286 19.62 -4.84 -2.64
CA LEU A 286 19.05 -5.45 -1.45
C LEU A 286 17.58 -5.78 -1.63
N GLY A 287 16.79 -4.77 -2.01
CA GLY A 287 15.40 -4.97 -2.33
C GLY A 287 15.20 -5.97 -3.46
N TYR A 288 16.03 -5.88 -4.49
CA TYR A 288 16.02 -6.87 -5.57
C TYR A 288 16.29 -8.27 -5.04
N ARG A 289 17.26 -8.40 -4.15
CA ARG A 289 17.54 -9.73 -3.65
C ARG A 289 16.38 -10.29 -2.84
N ASN A 290 15.70 -9.44 -2.10
CA ASN A 290 14.55 -9.85 -1.31
C ASN A 290 13.34 -10.25 -2.17
N TRP A 291 13.09 -9.46 -3.20
CA TRP A 291 12.00 -9.73 -4.11
C TRP A 291 12.24 -11.08 -4.83
N LEU A 292 13.51 -11.41 -5.08
CA LEU A 292 13.88 -12.69 -5.67
C LEU A 292 13.60 -13.84 -4.70
N GLY A 293 14.10 -13.72 -3.46
CA GLY A 293 13.79 -14.66 -2.41
C GLY A 293 12.31 -14.93 -2.32
N LEU A 294 11.52 -13.86 -2.36
CA LEU A 294 10.06 -13.96 -2.29
C LEU A 294 9.50 -14.70 -3.48
N ASN A 295 10.07 -14.45 -4.65
CA ASN A 295 9.54 -15.09 -5.86
C ASN A 295 10.00 -16.53 -6.02
N LYS A 296 11.18 -16.83 -5.48
CA LYS A 296 11.65 -18.20 -5.46
C LYS A 296 10.91 -19.01 -4.42
N GLY A 297 10.87 -18.49 -3.20
CA GLY A 297 10.19 -19.14 -2.11
C GLY A 297 11.15 -19.43 -0.97
N ASP A 298 12.36 -18.91 -1.09
CA ASP A 298 13.43 -19.30 -0.19
C ASP A 298 13.97 -18.18 0.71
N LEU A 299 13.33 -17.02 0.69
CA LEU A 299 13.68 -15.93 1.58
C LEU A 299 13.66 -16.39 3.04
N ALA A 300 14.76 -16.19 3.75
CA ALA A 300 14.84 -16.63 5.14
C ALA A 300 15.65 -15.69 6.02
N ALA A 301 15.25 -15.59 7.29
CA ALA A 301 15.93 -14.76 8.29
C ALA A 301 15.93 -15.44 9.67
N ARG A 312 13.14 -18.31 10.19
CA ARG A 312 11.88 -17.68 9.77
C ARG A 312 11.72 -17.70 8.24
N VAL A 313 10.73 -18.45 7.79
CA VAL A 313 10.60 -18.83 6.39
C VAL A 313 9.15 -18.67 5.90
N LEU A 314 8.94 -18.76 4.59
CA LEU A 314 7.59 -18.66 4.04
C LEU A 314 6.78 -19.91 4.35
N ASN A 315 5.65 -19.73 5.02
CA ASN A 315 4.78 -20.85 5.31
C ASN A 315 4.33 -21.51 4.04
N ARG A 316 4.21 -22.82 4.08
CA ARG A 316 3.78 -23.53 2.91
C ARG A 316 2.27 -23.64 2.94
N ASP A 317 1.70 -24.28 1.94
CA ASP A 317 0.26 -24.24 1.82
C ASP A 317 -0.42 -25.03 2.92
N ARG A 318 -1.71 -24.77 3.12
CA ARG A 318 -2.47 -25.42 4.16
C ARG A 318 -3.40 -26.48 3.55
N ASN A 319 -3.29 -27.71 4.04
CA ASN A 319 -4.10 -28.82 3.55
C ASN A 319 -5.33 -29.08 4.40
N TYR A 320 -6.43 -29.48 3.77
CA TYR A 320 -7.67 -29.72 4.48
C TYR A 320 -8.38 -30.95 3.97
N THR A 321 -9.37 -31.39 4.73
CA THR A 321 -10.26 -32.42 4.27
C THR A 321 -11.55 -31.75 3.86
N ALA A 322 -12.01 -32.00 2.65
CA ALA A 322 -13.26 -31.42 2.19
C ALA A 322 -14.41 -32.08 2.94
N PRO A 323 -15.56 -31.39 3.04
CA PRO A 323 -16.75 -31.89 3.77
C PRO A 323 -17.30 -33.21 3.22
N GLY A 324 -16.47 -34.25 3.18
CA GLY A 324 -16.86 -35.51 2.61
C GLY A 324 -15.75 -36.54 2.72
N GLY A 325 -14.56 -36.15 2.30
CA GLY A 325 -13.37 -36.97 2.46
C GLY A 325 -12.19 -36.52 1.61
N GLY A 326 -12.47 -35.74 0.57
CA GLY A 326 -11.45 -35.28 -0.36
C GLY A 326 -10.39 -34.43 0.30
N GLN A 327 -9.19 -34.40 -0.25
CA GLN A 327 -8.08 -33.68 0.37
C GLN A 327 -7.66 -32.44 -0.41
N PHE A 328 -8.32 -31.31 -0.20
CA PHE A 328 -7.89 -30.09 -0.89
C PHE A 328 -6.79 -29.33 -0.14
N THR A 329 -6.40 -28.20 -0.70
CA THR A 329 -5.31 -27.38 -0.17
C THR A 329 -5.68 -25.91 -0.38
N LEU A 330 -5.22 -25.06 0.52
CA LEU A 330 -5.40 -23.61 0.37
C LEU A 330 -4.04 -22.94 0.35
N PRO A 331 -3.91 -21.83 -0.39
CA PRO A 331 -2.62 -21.14 -0.40
C PRO A 331 -2.27 -20.54 0.97
N GLY A 332 -1.03 -20.72 1.40
CA GLY A 332 -0.60 -20.21 2.68
C GLY A 332 -0.13 -18.77 2.65
N ARG A 333 0.18 -18.27 1.46
CA ARG A 333 0.76 -16.95 1.33
C ARG A 333 -0.20 -15.94 0.72
N SER A 334 0.15 -14.66 0.82
CA SER A 334 -0.59 -13.61 0.15
C SER A 334 -0.11 -13.58 -1.27
N LEU A 335 -1.02 -13.38 -2.22
CA LEU A 335 -0.60 -13.10 -3.57
C LEU A 335 0.19 -11.81 -3.53
N MET A 336 1.39 -11.82 -4.10
CA MET A 336 2.28 -10.68 -4.02
C MET A 336 2.18 -9.78 -5.25
N PHE A 337 2.09 -8.48 -5.00
CA PHE A 337 2.36 -7.47 -6.01
C PHE A 337 3.76 -6.91 -5.73
N VAL A 338 4.32 -6.25 -6.73
CA VAL A 338 5.48 -5.38 -6.49
C VAL A 338 5.13 -3.95 -6.86
N ARG A 339 5.45 -2.99 -6.00
CA ARG A 339 5.24 -1.59 -6.39
C ARG A 339 6.52 -0.96 -6.94
N ASN A 340 6.58 -0.80 -8.25
CA ASN A 340 7.70 -0.13 -8.87
C ASN A 340 7.63 1.34 -8.54
N VAL A 341 8.72 2.07 -8.74
CA VAL A 341 8.71 3.51 -8.60
C VAL A 341 8.05 4.07 -9.85
N GLY A 342 7.80 5.38 -9.88
CA GLY A 342 7.09 6.00 -10.98
C GLY A 342 8.00 6.56 -12.06
N HIS A 343 7.50 7.50 -12.85
CA HIS A 343 8.19 8.04 -14.01
C HIS A 343 9.21 9.14 -13.69
N LEU A 344 9.17 9.69 -12.48
CA LEU A 344 10.01 10.86 -12.20
C LEU A 344 11.51 10.60 -12.03
N MET A 345 11.88 9.89 -10.99
CA MET A 345 13.29 9.86 -10.59
C MET A 345 14.27 9.16 -11.55
N THR A 346 15.56 9.39 -11.30
CA THR A 346 16.60 8.60 -11.95
C THR A 346 17.46 8.01 -10.84
N ASN A 347 18.14 6.92 -11.13
CA ASN A 347 19.06 6.34 -10.18
C ASN A 347 20.41 6.12 -10.87
N ASP A 348 21.50 6.36 -10.14
CA ASP A 348 22.85 6.19 -10.69
C ASP A 348 23.33 4.73 -10.68
N ALA A 349 22.44 3.78 -10.37
CA ALA A 349 22.75 2.37 -10.50
C ALA A 349 23.18 2.06 -11.95
N ILE A 350 22.66 2.86 -12.88
CA ILE A 350 23.02 2.78 -14.28
C ILE A 350 23.16 4.22 -14.80
N VAL A 351 24.25 4.49 -15.52
CA VAL A 351 24.46 5.81 -16.13
C VAL A 351 24.89 5.66 -17.58
N ASP A 352 24.55 6.63 -18.42
CA ASP A 352 24.94 6.54 -19.82
C ASP A 352 26.36 7.06 -20.03
N THR A 353 26.76 7.15 -21.28
CA THR A 353 28.11 7.58 -21.62
C THR A 353 28.44 9.00 -21.12
N ASP A 354 27.51 9.93 -21.29
CA ASP A 354 27.69 11.29 -20.78
C ASP A 354 27.65 11.33 -19.24
N GLY A 355 27.17 10.26 -18.62
CA GLY A 355 27.15 10.18 -17.16
C GLY A 355 25.78 10.50 -16.56
N SER A 356 24.80 10.68 -17.42
CA SER A 356 23.43 10.90 -16.97
C SER A 356 22.90 9.65 -16.27
N GLU A 357 22.11 9.85 -15.20
CA GLU A 357 21.47 8.74 -14.49
C GLU A 357 20.28 8.21 -15.29
N VAL A 358 20.04 6.91 -15.17
CA VAL A 358 18.99 6.25 -15.95
C VAL A 358 17.68 6.26 -15.17
N PHE A 359 16.57 6.46 -15.89
CA PHE A 359 15.23 6.46 -15.31
C PHE A 359 14.97 5.22 -14.46
N GLU A 360 14.83 5.42 -13.15
CA GLU A 360 14.67 4.30 -12.23
C GLU A 360 13.40 3.47 -12.50
N GLY A 361 12.38 4.11 -13.07
CA GLY A 361 11.13 3.45 -13.36
C GLY A 361 11.27 2.39 -14.41
N ILE A 362 12.09 2.68 -15.41
CA ILE A 362 12.30 1.76 -16.52
C ILE A 362 13.12 0.59 -16.00
N MET A 363 14.09 0.89 -15.15
CA MET A 363 14.92 -0.12 -14.51
C MET A 363 14.12 -1.08 -13.65
N ASP A 364 13.19 -0.55 -12.86
CA ASP A 364 12.34 -1.38 -12.02
C ASP A 364 11.51 -2.38 -12.86
N ALA A 365 11.08 -1.96 -14.03
CA ALA A 365 10.25 -2.80 -14.87
C ALA A 365 11.03 -3.98 -15.37
N LEU A 366 12.21 -3.70 -15.92
CA LEU A 366 13.13 -4.71 -16.40
C LEU A 366 13.52 -5.68 -15.29
N PHE A 367 13.86 -5.16 -14.12
CA PHE A 367 14.41 -5.97 -13.03
C PHE A 367 13.37 -6.62 -12.13
N THR A 368 12.21 -6.02 -11.94
CA THR A 368 11.21 -6.72 -11.13
C THR A 368 10.46 -7.74 -11.97
N GLY A 369 10.35 -7.46 -13.26
CA GLY A 369 9.74 -8.40 -14.20
C GLY A 369 10.57 -9.67 -14.37
N LEU A 370 11.85 -9.49 -14.68
CA LEU A 370 12.83 -10.58 -14.72
C LEU A 370 12.68 -11.48 -13.50
N ILE A 371 12.87 -10.88 -12.34
CA ILE A 371 12.75 -11.56 -11.07
C ILE A 371 11.43 -12.32 -10.90
N ALA A 372 10.31 -11.71 -11.29
CA ALA A 372 9.03 -12.36 -11.06
C ALA A 372 8.80 -13.64 -11.88
N ILE A 373 9.66 -13.90 -12.84
CA ILE A 373 9.53 -15.12 -13.64
C ILE A 373 9.63 -16.36 -12.75
N HIS A 374 10.39 -16.25 -11.67
CA HIS A 374 10.52 -17.33 -10.67
C HIS A 374 9.23 -17.59 -9.89
N GLY A 375 8.35 -16.60 -9.83
CA GLY A 375 7.12 -16.78 -9.12
C GLY A 375 6.19 -17.64 -9.94
N LEU A 376 6.60 -17.94 -11.17
CA LEU A 376 5.75 -18.59 -12.16
C LEU A 376 6.07 -20.06 -12.33
N LYS A 377 7.13 -20.50 -11.66
CA LYS A 377 7.71 -21.81 -11.90
C LYS A 377 8.16 -22.38 -10.55
N ALA A 378 8.02 -23.69 -10.39
CA ALA A 378 8.40 -24.32 -9.15
C ALA A 378 9.55 -25.30 -9.36
N SER A 379 10.34 -25.48 -8.31
CA SER A 379 11.39 -26.48 -8.27
C SER A 379 12.62 -26.08 -9.07
N ASP A 380 13.75 -26.05 -8.35
CA ASP A 380 15.09 -26.02 -8.92
C ASP A 380 15.45 -24.68 -9.57
N VAL A 381 16.32 -23.94 -8.88
CA VAL A 381 16.81 -22.66 -9.38
C VAL A 381 15.70 -21.65 -9.66
N GLY A 383 13.10 -22.29 -7.50
CA GLY A 383 12.45 -22.01 -6.24
C GLY A 383 11.18 -22.83 -6.05
N PRO A 384 10.91 -23.24 -4.81
CA PRO A 384 9.81 -24.18 -4.57
C PRO A 384 8.42 -23.53 -4.64
N LEU A 385 8.36 -22.21 -4.53
CA LEU A 385 7.08 -21.54 -4.32
C LEU A 385 6.60 -20.68 -5.49
N ILE A 386 5.28 -20.71 -5.71
CA ILE A 386 4.65 -20.07 -6.87
C ILE A 386 3.75 -18.92 -6.40
N ASN A 387 3.91 -17.75 -7.02
CA ASN A 387 3.06 -16.60 -6.68
C ASN A 387 1.72 -16.70 -7.38
N SER A 388 1.70 -16.40 -8.66
CA SER A 388 0.47 -16.40 -9.43
C SER A 388 0.19 -17.77 -10.01
N ARG A 389 -0.97 -18.31 -9.70
CA ARG A 389 -1.39 -19.61 -10.22
C ARG A 389 -1.80 -19.51 -11.68
N THR A 390 -1.93 -18.29 -12.19
CA THR A 390 -2.55 -18.05 -13.50
C THR A 390 -1.55 -17.52 -14.53
N GLY A 391 -0.38 -17.13 -14.06
CA GLY A 391 0.70 -16.74 -14.95
C GLY A 391 0.76 -15.27 -15.23
N SER A 392 0.39 -14.46 -14.24
CA SER A 392 0.51 -13.02 -14.38
C SER A 392 1.50 -12.47 -13.38
N ILE A 393 2.01 -11.30 -13.70
CA ILE A 393 2.97 -10.61 -12.84
C ILE A 393 2.33 -9.30 -12.46
N TYR A 394 2.17 -9.09 -11.16
CA TYR A 394 1.38 -7.96 -10.70
C TYR A 394 2.26 -6.80 -10.23
N ILE A 395 2.11 -5.67 -10.90
CA ILE A 395 2.91 -4.50 -10.60
C ILE A 395 2.07 -3.25 -10.34
N VAL A 396 2.32 -2.60 -9.19
CA VAL A 396 1.66 -1.34 -8.90
C VAL A 396 2.48 -0.20 -9.46
N LYS A 397 1.83 0.63 -10.26
CA LYS A 397 2.49 1.80 -10.83
C LYS A 397 1.95 3.08 -10.21
N PRO A 398 2.73 3.68 -9.31
CA PRO A 398 2.33 4.89 -8.60
C PRO A 398 2.63 6.17 -9.35
N LYS A 399 2.15 7.27 -8.79
CA LYS A 399 2.48 8.62 -9.21
C LYS A 399 2.29 9.04 -10.68
N MET A 400 1.30 8.44 -11.34
CA MET A 400 1.00 8.80 -12.71
C MET A 400 0.02 9.99 -12.88
N HIS A 401 0.24 10.77 -13.94
CA HIS A 401 -0.52 11.98 -14.21
C HIS A 401 -1.14 11.91 -15.59
N GLY A 402 -2.32 11.33 -15.72
CA GLY A 402 -3.06 11.40 -16.97
C GLY A 402 -2.91 10.15 -17.79
N PRO A 403 -3.79 9.97 -18.78
CA PRO A 403 -3.82 8.74 -19.59
C PRO A 403 -2.59 8.51 -20.47
N ALA A 404 -1.86 9.55 -20.86
CA ALA A 404 -0.70 9.37 -21.72
C ALA A 404 0.46 8.76 -20.95
N GLU A 405 0.44 8.90 -19.63
CA GLU A 405 1.43 8.27 -18.76
C GLU A 405 1.05 6.84 -18.43
N VAL A 406 -0.24 6.55 -18.49
CA VAL A 406 -0.69 5.19 -18.35
C VAL A 406 -0.28 4.42 -19.61
N ALA A 407 -0.65 4.96 -20.77
CA ALA A 407 -0.31 4.37 -22.06
C ALA A 407 1.17 4.06 -22.12
N PHE A 408 1.97 5.04 -21.73
CA PHE A 408 3.42 4.90 -21.76
C PHE A 408 3.92 3.74 -20.89
N THR A 409 3.25 3.52 -19.77
CA THR A 409 3.56 2.38 -18.90
C THR A 409 3.14 1.05 -19.55
N CYS A 410 2.05 1.06 -20.32
CA CYS A 410 1.67 -0.12 -21.07
C CYS A 410 2.79 -0.48 -22.02
N GLU A 411 3.13 0.49 -22.88
CA GLU A 411 4.16 0.29 -23.88
C GLU A 411 5.46 -0.18 -23.24
N LEU A 412 5.84 0.44 -22.12
CA LEU A 412 7.04 0.03 -21.40
C LEU A 412 6.99 -1.42 -20.95
N PHE A 413 5.82 -1.89 -20.51
CA PHE A 413 5.64 -3.29 -20.11
C PHE A 413 5.64 -4.20 -21.32
N SER A 414 5.09 -3.72 -22.42
CA SER A 414 5.04 -4.50 -23.65
C SER A 414 6.45 -4.81 -24.12
N ARG A 415 7.37 -3.91 -23.82
CA ARG A 415 8.73 -4.07 -24.32
C ARG A 415 9.61 -4.92 -23.41
N VAL A 416 9.51 -4.72 -22.10
CA VAL A 416 10.16 -5.57 -21.13
C VAL A 416 9.79 -7.05 -21.36
N GLU A 417 8.51 -7.29 -21.60
CA GLU A 417 8.03 -8.63 -21.93
C GLU A 417 8.77 -9.25 -23.12
N ASP A 418 8.83 -8.50 -24.21
CA ASP A 418 9.64 -8.87 -25.37
C ASP A 418 11.07 -9.23 -24.98
N VAL A 419 11.71 -8.37 -24.21
CA VAL A 419 13.05 -8.67 -23.71
C VAL A 419 13.08 -9.95 -22.88
N LEU A 420 12.02 -10.19 -22.12
CA LEU A 420 12.01 -11.31 -21.20
C LEU A 420 11.42 -12.56 -21.85
N GLY A 421 10.72 -12.37 -22.96
CA GLY A 421 10.19 -13.51 -23.69
C GLY A 421 8.85 -14.01 -23.20
N LEU A 422 8.22 -13.24 -22.31
CA LEU A 422 6.90 -13.57 -21.78
C LEU A 422 5.86 -13.24 -22.82
N PRO A 423 4.70 -13.90 -22.74
CA PRO A 423 3.57 -13.49 -23.57
C PRO A 423 3.26 -12.04 -23.30
N GLN A 424 2.73 -11.34 -24.31
CA GLN A 424 2.26 -9.98 -24.10
C GLN A 424 1.16 -9.96 -23.06
N ASN A 425 1.11 -8.88 -22.29
CA ASN A 425 0.15 -8.69 -21.18
C ASN A 425 0.36 -9.54 -19.93
N THR A 426 1.52 -10.17 -19.82
CA THR A 426 1.85 -10.93 -18.62
C THR A 426 1.83 -9.98 -17.43
N MET A 427 2.64 -8.94 -17.52
CA MET A 427 2.77 -7.96 -16.44
C MET A 427 1.54 -7.08 -16.37
N LYS A 428 0.82 -7.21 -15.27
CA LYS A 428 -0.42 -6.52 -15.09
C LYS A 428 -0.10 -5.25 -14.33
N ILE A 429 -0.94 -4.24 -14.47
CA ILE A 429 -0.65 -2.98 -13.81
C ILE A 429 -1.68 -2.63 -12.73
N GLY A 430 -1.18 -2.23 -11.56
CA GLY A 430 -2.03 -1.75 -10.49
C GLY A 430 -2.00 -0.24 -10.48
N ILE A 431 -3.01 0.39 -11.09
CA ILE A 431 -3.07 1.84 -11.25
C ILE A 431 -3.41 2.54 -9.93
N MET A 432 -2.53 3.43 -9.50
CA MET A 432 -2.80 4.27 -8.33
C MET A 432 -3.42 5.59 -8.77
N ASP A 433 -4.57 5.92 -8.21
CA ASP A 433 -5.21 7.21 -8.42
C ASP A 433 -4.74 8.07 -7.28
N GLU A 434 -3.68 8.83 -7.50
CA GLU A 434 -3.09 9.63 -6.43
C GLU A 434 -2.48 10.90 -6.95
N GLU A 435 -2.89 11.27 -8.16
CA GLU A 435 -2.53 12.55 -8.74
C GLU A 435 -3.77 13.13 -9.36
N ARG A 436 -3.96 14.44 -9.21
CA ARG A 436 -5.14 15.15 -9.70
C ARG A 436 -5.41 14.90 -11.17
N ARG A 437 -4.37 15.00 -12.00
CA ARG A 437 -4.54 14.85 -13.44
C ARG A 437 -4.99 13.44 -13.83
N THR A 438 -4.67 12.46 -12.98
CA THR A 438 -5.20 11.12 -13.16
C THR A 438 -6.67 11.07 -12.73
N THR A 439 -6.96 11.65 -11.55
CA THR A 439 -8.32 11.68 -10.99
C THR A 439 -9.39 12.20 -11.96
N VAL A 440 -9.20 13.42 -12.47
CA VAL A 440 -10.20 14.03 -13.36
C VAL A 440 -10.16 13.47 -14.78
N ASN A 441 -9.49 12.33 -14.96
CA ASN A 441 -9.34 11.68 -16.24
C ASN A 441 -9.29 10.17 -16.05
N LEU A 442 -9.80 9.70 -14.92
CA LEU A 442 -9.62 8.31 -14.51
C LEU A 442 -10.14 7.29 -15.55
N LYS A 443 -11.27 7.63 -16.17
CA LYS A 443 -11.87 6.77 -17.16
C LYS A 443 -10.92 6.61 -18.33
N ALA A 444 -10.22 7.69 -18.68
CA ALA A 444 -9.23 7.66 -19.77
C ALA A 444 -7.98 6.92 -19.36
N CYS A 445 -7.69 6.93 -18.06
CA CYS A 445 -6.55 6.19 -17.53
C CYS A 445 -6.86 4.72 -17.52
N ILE A 446 -8.09 4.37 -17.19
CA ILE A 446 -8.47 2.97 -17.21
C ILE A 446 -8.54 2.48 -18.64
N LYS A 447 -9.04 3.30 -19.55
CA LYS A 447 -9.13 2.87 -20.94
C LYS A 447 -7.73 2.65 -21.53
N ALA A 448 -6.77 3.47 -21.11
CA ALA A 448 -5.38 3.34 -21.55
C ALA A 448 -4.76 2.00 -21.16
N ALA A 449 -5.22 1.43 -20.05
CA ALA A 449 -4.67 0.19 -19.53
C ALA A 449 -5.68 -0.96 -19.52
N ALA A 450 -6.71 -0.84 -20.36
CA ALA A 450 -7.84 -1.76 -20.42
C ALA A 450 -7.54 -3.27 -20.36
N ASP A 451 -6.36 -3.69 -20.79
CA ASP A 451 -6.06 -5.12 -20.82
C ASP A 451 -4.89 -5.53 -19.93
N ARG A 452 -4.47 -4.63 -19.04
CA ARG A 452 -3.39 -4.96 -18.11
C ARG A 452 -3.77 -4.57 -16.70
N VAL A 453 -4.94 -3.94 -16.57
CA VAL A 453 -5.30 -3.30 -15.30
C VAL A 453 -5.97 -4.22 -14.28
N VAL A 454 -5.34 -4.40 -13.13
CA VAL A 454 -5.86 -5.33 -12.13
C VAL A 454 -6.43 -4.62 -10.93
N PHE A 455 -6.02 -3.36 -10.72
CA PHE A 455 -6.73 -2.49 -9.79
C PHE A 455 -6.70 -0.99 -10.09
N ILE A 456 -7.60 -0.26 -9.43
CA ILE A 456 -7.43 1.17 -9.21
C ILE A 456 -7.50 1.39 -7.71
N ASN A 457 -6.76 2.37 -7.23
CA ASN A 457 -6.69 2.57 -5.79
C ASN A 457 -6.44 4.04 -5.43
N THR A 458 -7.16 4.52 -4.42
CA THR A 458 -7.01 5.91 -4.05
C THR A 458 -5.83 6.11 -3.11
N GLY A 459 -4.76 6.69 -3.62
CA GLY A 459 -3.62 7.00 -2.76
C GLY A 459 -3.81 8.38 -2.18
N PHE A 460 -4.60 8.46 -1.11
CA PHE A 460 -5.17 9.74 -0.69
C PHE A 460 -4.14 10.73 -0.17
N LEU A 461 -3.09 10.22 0.45
CA LEU A 461 -2.01 11.08 0.92
C LEU A 461 -1.23 11.76 -0.23
N ASP A 462 -0.75 10.99 -1.19
CA ASP A 462 -0.07 11.59 -2.32
C ASP A 462 -1.03 12.54 -3.00
N ARG A 463 -2.28 12.10 -3.11
CA ARG A 463 -3.34 12.85 -3.78
C ARG A 463 -3.58 14.21 -3.14
N THR A 464 -3.42 14.25 -1.82
CA THR A 464 -3.53 15.49 -1.08
C THR A 464 -2.36 16.38 -1.42
N GLY A 465 -1.17 15.78 -1.52
CA GLY A 465 0.04 16.50 -1.86
C GLY A 465 -0.10 17.20 -3.20
N ASP A 466 -0.48 16.44 -4.21
CA ASP A 466 -0.65 17.01 -5.55
C ASP A 466 -1.72 18.11 -5.57
N GLU A 467 -2.84 17.82 -4.90
CA GLU A 467 -3.91 18.80 -4.63
C GLU A 467 -3.36 20.10 -4.05
N ILE A 468 -2.51 20.01 -3.03
CA ILE A 468 -1.89 21.20 -2.48
C ILE A 468 -0.92 21.89 -3.44
N HIS A 469 -0.07 21.12 -4.12
CA HIS A 469 0.92 21.73 -5.01
C HIS A 469 0.30 22.30 -6.29
N THR A 470 -0.72 21.63 -6.81
CA THR A 470 -1.36 22.06 -8.05
C THR A 470 -1.98 23.45 -7.90
N SER A 471 -2.44 23.78 -6.69
CA SER A 471 -3.07 25.08 -6.43
C SER A 471 -2.32 25.90 -5.37
N MET A 472 -1.00 25.72 -5.35
CA MET A 472 -0.09 26.43 -4.45
C MET A 472 -0.23 27.96 -4.56
N GLU A 473 -0.41 28.46 -5.77
CA GLU A 473 -0.46 29.89 -6.01
C GLU A 473 -1.89 30.45 -5.95
N ALA A 474 -2.81 29.68 -5.37
CA ALA A 474 -4.20 30.13 -5.30
C ALA A 474 -4.56 30.79 -3.98
N GLY A 475 -3.82 30.45 -2.92
CA GLY A 475 -4.10 30.92 -1.57
C GLY A 475 -3.69 29.88 -0.55
N PRO A 476 -3.80 30.21 0.74
CA PRO A 476 -3.54 29.24 1.82
C PRO A 476 -4.47 28.02 1.80
N MET A 477 -3.94 26.85 2.16
CA MET A 477 -4.74 25.64 2.20
C MET A 477 -5.29 25.43 3.60
N VAL A 478 -6.35 24.63 3.73
CA VAL A 478 -6.83 24.26 5.06
C VAL A 478 -5.77 23.40 5.73
N ARG A 479 -5.84 23.28 7.05
CA ARG A 479 -4.89 22.47 7.79
C ARG A 479 -4.88 21.01 7.33
N LYS A 480 -3.84 20.30 7.75
CA LYS A 480 -3.64 18.90 7.38
C LYS A 480 -4.77 17.99 7.86
N GLY A 481 -5.25 18.20 9.09
CA GLY A 481 -6.31 17.38 9.67
C GLY A 481 -7.64 17.61 9.01
N THR A 482 -7.82 18.81 8.46
CA THR A 482 -9.08 19.25 7.84
C THR A 482 -9.26 18.65 6.44
N MET A 483 -8.18 18.09 5.91
CA MET A 483 -8.18 17.59 4.54
C MET A 483 -9.09 16.39 4.35
N LYS A 484 -9.13 15.49 5.32
CA LYS A 484 -9.85 14.23 5.15
C LYS A 484 -11.36 14.43 4.99
N SER A 485 -11.82 15.62 5.34
CA SER A 485 -13.23 15.94 5.34
C SER A 485 -13.60 16.87 4.18
N GLN A 486 -12.61 17.25 3.40
CA GLN A 486 -12.79 18.21 2.33
C GLN A 486 -13.69 17.68 1.21
N PRO A 487 -14.47 18.58 0.60
CA PRO A 487 -15.32 18.27 -0.56
C PRO A 487 -14.58 17.56 -1.68
N TRP A 488 -13.30 17.91 -1.92
CA TRP A 488 -12.57 17.39 -3.08
C TRP A 488 -12.18 15.92 -2.90
N ILE A 489 -11.92 15.52 -1.65
CA ILE A 489 -11.37 14.22 -1.38
C ILE A 489 -12.48 13.21 -1.18
N LEU A 490 -13.65 13.71 -0.77
CA LEU A 490 -14.82 12.86 -0.67
C LEU A 490 -15.37 12.60 -2.06
N ALA A 491 -15.25 13.59 -2.94
CA ALA A 491 -15.66 13.42 -4.33
C ALA A 491 -14.71 12.46 -5.04
N TYR A 492 -13.43 12.63 -4.75
CA TYR A 492 -12.37 11.82 -5.34
C TYR A 492 -12.50 10.34 -4.97
N GLU A 493 -12.83 10.07 -3.71
CA GLU A 493 -13.02 8.69 -3.24
C GLU A 493 -14.18 7.99 -3.93
N ASP A 494 -15.28 8.70 -4.13
CA ASP A 494 -16.45 8.11 -4.75
C ASP A 494 -16.28 7.97 -6.26
N HIS A 495 -15.65 8.98 -6.85
CA HIS A 495 -15.41 9.02 -8.28
C HIS A 495 -14.59 7.83 -8.73
N ASN A 496 -13.65 7.43 -7.87
CA ASN A 496 -12.81 6.26 -8.09
C ASN A 496 -13.67 5.01 -8.25
N VAL A 497 -14.63 4.86 -7.36
CA VAL A 497 -15.50 3.70 -7.34
C VAL A 497 -16.45 3.66 -8.55
N ASP A 498 -17.06 4.80 -8.91
CA ASP A 498 -17.92 4.87 -10.08
C ASP A 498 -17.23 4.44 -11.38
N ALA A 499 -15.95 4.79 -11.51
CA ALA A 499 -15.18 4.54 -12.73
C ALA A 499 -14.78 3.09 -12.84
N GLY A 500 -14.33 2.52 -11.72
CA GLY A 500 -14.00 1.11 -11.70
C GLY A 500 -15.23 0.28 -11.99
N LEU A 501 -16.34 0.62 -11.36
CA LEU A 501 -17.56 -0.17 -11.52
C LEU A 501 -18.10 -0.02 -12.94
N ALA A 502 -18.03 1.20 -13.47
CA ALA A 502 -18.44 1.45 -14.85
C ALA A 502 -17.64 0.62 -15.86
N ALA A 503 -16.35 0.42 -15.59
CA ALA A 503 -15.49 -0.27 -16.53
C ALA A 503 -15.50 -1.77 -16.28
N GLY A 504 -16.28 -2.19 -15.29
CA GLY A 504 -16.51 -3.61 -15.02
C GLY A 504 -15.47 -4.26 -14.12
N PHE A 505 -15.15 -3.60 -13.02
CA PHE A 505 -14.15 -4.12 -12.12
C PHE A 505 -14.73 -5.25 -11.29
N SER A 506 -16.05 -5.24 -11.14
CA SER A 506 -16.74 -6.27 -10.36
C SER A 506 -16.54 -7.64 -10.97
N GLY A 507 -15.79 -8.48 -10.28
CA GLY A 507 -15.52 -9.82 -10.78
C GLY A 507 -14.36 -9.82 -11.76
N ARG A 508 -13.59 -8.75 -11.79
CA ARG A 508 -12.46 -8.65 -12.72
C ARG A 508 -11.20 -7.99 -12.17
N ALA A 509 -11.36 -6.90 -11.44
CA ALA A 509 -10.23 -6.12 -10.95
C ALA A 509 -10.55 -5.53 -9.59
N GLN A 510 -9.53 -5.22 -8.81
CA GLN A 510 -9.74 -4.72 -7.47
C GLN A 510 -10.12 -3.26 -7.48
N VAL A 511 -10.90 -2.84 -6.48
CA VAL A 511 -11.24 -1.43 -6.32
C VAL A 511 -10.83 -0.99 -4.91
N GLY A 512 -9.71 -0.27 -4.83
CA GLY A 512 -9.01 -0.11 -3.57
C GLY A 512 -8.96 1.26 -2.91
N LYS A 513 -8.78 1.27 -1.60
CA LYS A 513 -8.71 2.52 -0.84
C LYS A 513 -7.48 2.58 0.07
N GLY A 514 -7.33 3.70 0.77
CA GLY A 514 -6.06 4.03 1.38
C GLY A 514 -5.66 3.40 2.69
N MET A 515 -4.60 3.93 3.27
CA MET A 515 -3.91 3.29 4.37
C MET A 515 -4.36 3.86 5.70
N TRP A 516 -4.42 2.97 6.70
CA TRP A 516 -4.70 3.39 8.06
C TRP A 516 -3.39 3.50 8.82
N THR A 517 -2.94 4.73 9.05
CA THR A 517 -1.60 4.95 9.59
C THR A 517 -1.51 4.87 11.11
N MET A 518 -2.64 5.08 11.79
CA MET A 518 -2.70 5.06 13.25
C MET A 518 -2.56 3.64 13.78
N THR A 519 -1.32 3.16 13.87
CA THR A 519 -1.04 1.74 14.11
C THR A 519 -1.41 1.23 15.51
N GLU A 520 -1.48 2.14 16.47
CA GLU A 520 -1.81 1.78 17.85
C GLU A 520 -3.30 1.87 18.08
N LEU A 521 -3.97 2.71 17.30
CA LEU A 521 -5.40 2.94 17.47
C LEU A 521 -6.23 1.91 16.70
N MET A 522 -6.20 0.67 17.16
CA MET A 522 -6.89 -0.43 16.47
C MET A 522 -8.42 -0.45 16.67
N ALA A 523 -8.88 -0.21 17.89
CA ALA A 523 -10.33 -0.09 18.15
C ALA A 523 -10.97 0.98 17.26
N ASP A 524 -10.26 2.09 17.08
CA ASP A 524 -10.69 3.11 16.15
C ASP A 524 -10.70 2.61 14.73
N MET A 525 -9.72 1.79 14.35
CA MET A 525 -9.71 1.23 13.01
C MET A 525 -10.91 0.33 12.81
N VAL A 526 -11.07 -0.62 13.73
CA VAL A 526 -12.16 -1.59 13.70
C VAL A 526 -13.54 -0.92 13.64
N GLU A 527 -13.64 0.25 14.27
CA GLU A 527 -14.90 0.97 14.28
C GLU A 527 -15.11 1.82 13.03
N THR A 528 -14.03 2.26 12.40
CA THR A 528 -14.15 3.23 11.33
C THR A 528 -13.79 2.76 9.92
N LYS A 529 -12.81 1.86 9.81
CA LYS A 529 -12.32 1.42 8.51
C LYS A 529 -13.36 0.61 7.69
N ILE A 530 -14.44 0.22 8.37
CA ILE A 530 -15.59 -0.44 7.76
C ILE A 530 -16.22 0.38 6.61
N ALA A 531 -16.04 1.69 6.67
CA ALA A 531 -16.59 2.59 5.66
C ALA A 531 -16.07 2.28 4.25
N GLN A 532 -14.82 1.84 4.14
CA GLN A 532 -14.23 1.56 2.83
C GLN A 532 -14.98 0.45 2.08
N PRO A 533 -15.12 -0.75 2.69
CA PRO A 533 -15.95 -1.68 1.92
C PRO A 533 -17.40 -1.20 1.79
N ARG A 534 -17.88 -0.42 2.74
CA ARG A 534 -19.26 0.07 2.64
C ARG A 534 -19.47 0.96 1.43
N ALA A 535 -18.37 1.54 0.96
CA ALA A 535 -18.37 2.38 -0.22
C ALA A 535 -18.09 1.54 -1.48
N GLY A 536 -18.08 0.21 -1.32
CA GLY A 536 -17.89 -0.70 -2.43
C GLY A 536 -16.46 -0.97 -2.86
N ALA A 537 -15.51 -0.82 -1.94
CA ALA A 537 -14.11 -1.12 -2.26
C ALA A 537 -13.79 -2.53 -1.84
N SER A 538 -13.38 -3.35 -2.81
CA SER A 538 -13.08 -4.76 -2.55
C SER A 538 -11.74 -4.97 -1.87
N THR A 539 -10.96 -3.89 -1.68
CA THR A 539 -9.71 -3.99 -0.95
C THR A 539 -9.33 -2.66 -0.34
N ALA A 540 -8.60 -2.71 0.79
CA ALA A 540 -8.06 -1.51 1.42
C ALA A 540 -6.71 -1.80 2.10
N TRP A 541 -5.91 -0.76 2.29
CA TRP A 541 -4.55 -0.93 2.77
C TRP A 541 -4.38 -0.95 4.29
N VAL A 542 -3.54 -1.87 4.76
CA VAL A 542 -3.16 -1.97 6.16
C VAL A 542 -1.63 -2.09 6.26
N PRO A 543 -1.03 -1.63 7.37
CA PRO A 543 0.42 -1.57 7.51
C PRO A 543 1.00 -2.66 8.41
N SER A 544 0.22 -3.71 8.68
CA SER A 544 0.71 -4.80 9.52
C SER A 544 -0.13 -6.06 9.35
N PRO A 545 0.46 -7.24 9.63
CA PRO A 545 -0.30 -8.49 9.64
C PRO A 545 -1.46 -8.44 10.61
N THR A 546 -1.28 -7.80 11.76
CA THR A 546 -2.33 -7.68 12.77
C THR A 546 -3.50 -6.83 12.29
N ALA A 547 -3.20 -5.65 11.78
CA ALA A 547 -4.24 -4.76 11.30
C ALA A 547 -4.96 -5.40 10.10
N ALA A 548 -4.32 -6.37 9.48
CA ALA A 548 -4.94 -7.11 8.38
C ALA A 548 -6.05 -8.02 8.94
N THR A 549 -5.71 -8.81 9.96
CA THR A 549 -6.68 -9.63 10.67
C THR A 549 -7.89 -8.82 11.16
N LEU A 550 -7.62 -7.70 11.83
CA LEU A 550 -8.70 -6.89 12.34
C LEU A 550 -9.55 -6.30 11.20
N HIS A 551 -8.91 -5.90 10.11
CA HIS A 551 -9.63 -5.37 8.95
C HIS A 551 -10.31 -6.48 8.14
N ALA A 552 -9.96 -7.74 8.40
CA ALA A 552 -10.68 -8.85 7.80
C ALA A 552 -12.11 -8.94 8.34
N LEU A 553 -12.29 -8.53 9.60
CA LEU A 553 -13.62 -8.57 10.23
C LEU A 553 -14.64 -7.82 9.38
N HIS A 554 -14.29 -6.62 8.93
CA HIS A 554 -15.20 -5.78 8.16
C HIS A 554 -15.77 -6.44 6.92
N TYR A 555 -15.01 -7.36 6.34
CA TYR A 555 -15.43 -8.01 5.12
C TYR A 555 -16.40 -9.11 5.44
N HIS A 556 -16.35 -9.59 6.67
CA HIS A 556 -17.37 -10.55 7.11
C HIS A 556 -18.64 -9.82 7.49
N GLN A 557 -18.50 -8.53 7.79
CA GLN A 557 -19.61 -7.69 8.21
C GLN A 557 -20.28 -7.07 7.00
N VAL A 558 -19.50 -6.79 5.96
CA VAL A 558 -20.00 -6.11 4.77
C VAL A 558 -19.89 -6.97 3.52
N ASP A 559 -21.02 -7.21 2.86
CA ASP A 559 -21.03 -7.94 1.59
C ASP A 559 -20.66 -6.95 0.52
N VAL A 560 -19.41 -7.03 0.04
CA VAL A 560 -18.88 -6.08 -0.92
C VAL A 560 -19.45 -6.32 -2.32
N ALA A 561 -19.65 -7.58 -2.66
CA ALA A 561 -20.22 -7.93 -3.95
C ALA A 561 -21.55 -7.22 -4.18
N ALA A 562 -22.36 -7.18 -3.13
CA ALA A 562 -23.68 -6.60 -3.19
C ALA A 562 -23.66 -5.08 -3.20
N VAL A 563 -22.79 -4.49 -2.39
CA VAL A 563 -22.67 -3.04 -2.33
C VAL A 563 -22.26 -2.52 -3.69
N GLN A 564 -21.28 -3.19 -4.28
CA GLN A 564 -20.90 -2.91 -5.65
C GLN A 564 -22.07 -3.07 -6.61
N GLN A 565 -22.88 -4.10 -6.37
CA GLN A 565 -23.97 -4.41 -7.26
C GLN A 565 -25.00 -3.32 -7.26
N GLY A 566 -25.27 -2.75 -6.10
CA GLY A 566 -26.29 -1.73 -5.98
C GLY A 566 -25.71 -0.33 -6.04
N LEU A 567 -24.54 -0.21 -6.65
CA LEU A 567 -23.88 1.08 -6.86
C LEU A 567 -23.66 1.36 -8.32
N ALA A 568 -23.82 0.34 -9.15
CA ALA A 568 -23.56 0.50 -10.58
C ALA A 568 -24.52 1.49 -11.24
N GLY A 569 -24.06 2.09 -12.33
CA GLY A 569 -24.86 3.05 -13.08
C GLY A 569 -24.87 4.42 -12.44
N LYS A 570 -24.53 4.48 -11.16
CA LYS A 570 -24.59 5.73 -10.43
C LYS A 570 -23.34 6.60 -10.62
N ARG A 571 -23.54 7.91 -10.68
CA ARG A 571 -22.44 8.86 -10.69
C ARG A 571 -22.71 9.79 -9.54
N ARG A 572 -21.74 9.90 -8.65
CA ARG A 572 -21.93 10.60 -7.39
C ARG A 572 -21.04 11.83 -7.29
N ALA A 573 -20.03 11.89 -8.15
CA ALA A 573 -19.16 13.05 -8.17
C ALA A 573 -19.38 13.84 -9.45
N THR A 574 -19.32 15.16 -9.35
CA THR A 574 -19.20 15.99 -10.54
C THR A 574 -17.78 16.55 -10.62
N ILE A 575 -17.38 16.99 -11.82
CA ILE A 575 -16.05 17.59 -11.98
C ILE A 575 -15.94 18.84 -11.11
N GLU A 576 -17.07 19.51 -10.87
CA GLU A 576 -17.07 20.72 -10.06
C GLU A 576 -16.67 20.38 -8.65
N GLN A 577 -17.10 19.21 -8.19
CA GLN A 577 -16.77 18.74 -6.85
C GLN A 577 -15.31 18.30 -6.74
N LEU A 578 -14.81 17.64 -7.78
CA LEU A 578 -13.42 17.25 -7.80
C LEU A 578 -12.51 18.47 -7.77
N LEU A 579 -12.86 19.47 -8.57
CA LEU A 579 -12.05 20.66 -8.75
C LEU A 579 -12.18 21.69 -7.65
N THR A 580 -12.89 21.35 -6.57
CA THR A 580 -13.03 22.27 -5.44
C THR A 580 -11.76 22.34 -4.61
N ILE A 581 -11.03 23.44 -4.75
CA ILE A 581 -9.75 23.59 -4.10
C ILE A 581 -9.90 23.81 -2.60
N PRO A 582 -9.22 22.98 -1.78
CA PRO A 582 -9.33 23.04 -0.32
C PRO A 582 -8.79 24.32 0.32
N LEU A 583 -9.25 25.47 -0.15
CA LEU A 583 -8.80 26.79 0.35
C LEU A 583 -9.37 27.10 1.73
N ALA A 584 -8.55 27.68 2.61
CA ALA A 584 -9.05 28.17 3.89
C ALA A 584 -9.73 29.53 3.70
N LYS A 585 -10.74 29.79 4.52
CA LYS A 585 -11.47 31.05 4.44
C LYS A 585 -10.71 32.15 5.18
N GLU A 586 -11.23 33.38 5.12
CA GLU A 586 -10.60 34.53 5.75
C GLU A 586 -10.68 34.47 7.28
N LEU A 587 -9.62 34.90 7.95
CA LEU A 587 -9.56 34.92 9.42
C LEU A 587 -9.78 33.54 9.97
N ALA A 588 -9.33 32.54 9.24
CA ALA A 588 -9.65 31.15 9.58
C ALA A 588 -9.08 30.70 10.92
N TRP A 589 -7.89 31.17 11.28
CA TRP A 589 -7.17 30.60 12.42
C TRP A 589 -6.59 31.58 13.43
N ALA A 590 -6.91 31.34 14.70
CA ALA A 590 -6.24 32.01 15.81
C ALA A 590 -4.74 31.79 15.71
N PRO A 591 -3.95 32.66 16.37
CA PRO A 591 -2.50 32.46 16.41
C PRO A 591 -2.07 31.11 16.99
N ASP A 592 -2.75 30.59 18.02
CA ASP A 592 -2.37 29.31 18.65
C ASP A 592 -2.57 28.07 17.75
N GLU A 593 -3.65 28.06 16.98
CA GLU A 593 -3.94 26.92 16.11
C GLU A 593 -2.92 26.83 14.98
N ILE A 594 -2.32 27.97 14.64
CA ILE A 594 -1.28 27.98 13.63
C ILE A 594 0.03 27.44 14.18
N ARG A 595 0.46 27.98 15.33
CA ARG A 595 1.67 27.54 16.01
C ARG A 595 1.65 26.03 16.18
N GLU A 596 0.47 25.53 16.53
CA GLU A 596 0.26 24.11 16.76
C GLU A 596 0.44 23.36 15.44
N GLU A 597 -0.19 23.86 14.38
CA GLU A 597 -0.12 23.20 13.08
C GLU A 597 1.28 23.25 12.51
N VAL A 598 1.96 24.36 12.75
CA VAL A 598 3.36 24.48 12.39
C VAL A 598 4.22 23.45 13.14
N ASP A 599 4.11 23.43 14.46
CA ASP A 599 4.86 22.47 15.26
C ASP A 599 4.54 21.05 14.83
N ASN A 600 3.29 20.82 14.48
CA ASN A 600 2.83 19.50 14.13
C ASN A 600 3.49 19.02 12.83
N ASN A 601 3.49 19.87 11.82
CA ASN A 601 4.15 19.48 10.58
C ASN A 601 5.67 19.41 10.67
N CYS A 602 6.27 20.27 11.49
CA CYS A 602 7.72 20.24 11.65
C CYS A 602 8.18 18.99 12.38
N GLN A 603 7.40 18.53 13.34
CA GLN A 603 7.76 17.31 14.05
C GLN A 603 7.51 16.09 13.15
N SER A 604 6.49 16.16 12.30
CA SER A 604 6.22 15.02 11.43
C SER A 604 7.33 14.91 10.40
N ILE A 605 7.71 16.04 9.83
CA ILE A 605 8.79 16.13 8.86
C ILE A 605 10.14 15.71 9.47
N LEU A 606 10.44 16.24 10.65
CA LEU A 606 11.69 15.93 11.32
C LEU A 606 11.86 14.45 11.64
N GLY A 607 10.85 13.87 12.27
CA GLY A 607 10.94 12.50 12.75
C GLY A 607 10.97 11.46 11.65
N TYR A 608 10.52 11.85 10.46
CA TYR A 608 10.55 10.96 9.31
C TYR A 608 11.89 11.08 8.58
N VAL A 609 12.30 12.32 8.30
CA VAL A 609 13.52 12.60 7.54
C VAL A 609 14.77 12.14 8.25
N VAL A 610 14.74 12.19 9.57
CA VAL A 610 15.92 11.86 10.33
C VAL A 610 16.26 10.37 10.17
N ARG A 611 15.23 9.53 10.10
CA ARG A 611 15.43 8.10 9.95
C ARG A 611 15.77 7.75 8.51
N TRP A 612 15.42 8.65 7.59
CA TRP A 612 15.59 8.40 6.18
C TRP A 612 17.05 8.62 5.84
N VAL A 613 17.50 9.86 5.98
CA VAL A 613 18.87 10.24 5.69
C VAL A 613 19.92 9.44 6.49
N ASP A 614 19.69 9.30 7.79
CA ASP A 614 20.71 8.72 8.67
C ASP A 614 20.78 7.19 8.65
N GLN A 615 19.65 6.57 8.38
CA GLN A 615 19.55 5.12 8.50
C GLN A 615 18.92 4.43 7.29
N GLY A 616 18.45 5.22 6.33
CA GLY A 616 17.85 4.67 5.12
C GLY A 616 16.58 3.88 5.40
N VAL A 617 15.82 4.31 6.40
CA VAL A 617 14.49 3.76 6.71
C VAL A 617 13.38 4.59 6.10
N GLY A 618 12.54 3.99 5.27
CA GLY A 618 11.50 4.75 4.59
C GLY A 618 10.12 4.66 5.22
N ALA A 619 9.97 3.77 6.18
CA ALA A 619 8.69 3.57 6.83
C ALA A 619 8.90 2.82 8.14
N SER A 620 8.42 3.40 9.23
CA SER A 620 8.60 2.81 10.57
C SER A 620 7.52 3.37 11.49
N LYS A 621 7.49 2.89 12.73
CA LYS A 621 6.56 3.44 13.72
C LYS A 621 7.13 4.71 14.35
N VAL A 622 6.63 5.87 13.93
CA VAL A 622 7.12 7.14 14.49
C VAL A 622 6.02 7.93 15.23
N PRO A 623 6.28 8.20 16.53
CA PRO A 623 5.33 8.92 17.39
C PRO A 623 5.18 10.36 16.94
N ASP A 624 3.97 10.89 17.01
CA ASP A 624 3.76 12.28 16.63
C ASP A 624 4.11 13.21 17.80
N ILE A 625 3.45 14.37 17.87
CA ILE A 625 3.73 15.32 18.93
C ILE A 625 3.35 14.73 20.29
N HIS A 626 2.26 13.95 20.31
CA HIS A 626 1.73 13.38 21.54
C HIS A 626 2.14 11.91 21.76
N ASP A 627 3.13 11.46 21.00
CA ASP A 627 3.57 10.06 21.00
C ASP A 627 2.55 9.04 20.52
N VAL A 628 1.47 9.50 19.89
CA VAL A 628 0.58 8.64 19.09
C VAL A 628 1.39 8.10 17.92
N ALA A 629 1.77 6.82 17.97
CA ALA A 629 2.62 6.25 16.94
C ALA A 629 1.91 6.22 15.60
N LEU A 630 2.56 6.75 14.57
CA LEU A 630 2.06 6.69 13.20
C LEU A 630 3.04 5.97 12.29
N MET A 631 2.51 5.03 11.50
CA MET A 631 3.35 4.39 10.51
C MET A 631 3.02 4.96 9.14
N GLU A 632 3.69 6.04 8.77
CA GLU A 632 3.48 6.67 7.47
C GLU A 632 4.75 6.65 6.58
N ASP A 633 4.62 7.16 5.34
CA ASP A 633 5.74 7.18 4.39
C ASP A 633 5.96 8.54 3.73
N ARG A 634 6.61 8.56 2.57
CA ARG A 634 6.94 9.82 1.89
C ARG A 634 5.72 10.66 1.49
N ALA A 635 4.57 10.03 1.36
CA ALA A 635 3.37 10.75 0.94
C ALA A 635 2.95 11.73 2.03
N THR A 636 3.09 11.31 3.28
CA THR A 636 2.78 12.17 4.39
C THR A 636 3.75 13.33 4.40
N LEU A 637 5.02 13.00 4.19
CA LEU A 637 6.07 14.02 4.12
C LEU A 637 5.74 14.99 3.01
N ARG A 638 5.32 14.49 1.87
CA ARG A 638 4.91 15.35 0.77
C ARG A 638 3.77 16.29 1.17
N ILE A 639 2.80 15.80 1.94
CA ILE A 639 1.72 16.65 2.46
C ILE A 639 2.24 17.74 3.42
N SER A 640 2.95 17.31 4.47
CA SER A 640 3.44 18.24 5.49
C SER A 640 4.33 19.35 4.92
N SER A 641 5.33 18.95 4.16
CA SER A 641 6.29 19.90 3.65
C SER A 641 5.63 20.82 2.66
N GLN A 642 4.72 20.30 1.85
CA GLN A 642 3.98 21.17 0.92
C GLN A 642 3.04 22.11 1.66
N LEU A 643 2.44 21.64 2.75
CA LEU A 643 1.50 22.45 3.51
C LEU A 643 2.21 23.66 4.09
N LEU A 644 3.28 23.39 4.83
CA LEU A 644 4.09 24.46 5.42
C LEU A 644 4.60 25.40 4.35
N ALA A 645 5.11 24.83 3.25
CA ALA A 645 5.58 25.61 2.10
C ALA A 645 4.50 26.55 1.58
N ASN A 646 3.26 26.09 1.61
CA ASN A 646 2.11 26.85 1.11
C ASN A 646 1.71 28.02 2.03
N TRP A 647 1.79 27.77 3.33
CA TRP A 647 1.51 28.79 4.33
C TRP A 647 2.58 29.86 4.28
N LEU A 648 3.82 29.45 4.09
CA LEU A 648 4.90 30.38 3.90
C LEU A 648 4.62 31.30 2.70
N ARG A 649 4.44 30.70 1.53
CA ARG A 649 4.13 31.41 0.27
C ARG A 649 2.99 32.45 0.36
N HIS A 650 2.11 32.28 1.33
CA HIS A 650 0.90 33.11 1.39
C HIS A 650 0.70 33.93 2.66
N GLY A 651 1.76 34.13 3.42
CA GLY A 651 1.70 35.03 4.55
C GLY A 651 1.39 34.43 5.90
N VAL A 652 0.80 33.24 5.92
CA VAL A 652 0.32 32.65 7.16
C VAL A 652 1.42 32.61 8.22
N ILE A 653 2.62 32.21 7.82
CA ILE A 653 3.76 32.18 8.73
C ILE A 653 5.00 32.76 8.05
N THR A 654 6.07 32.89 8.82
CA THR A 654 7.30 33.47 8.27
C THR A 654 8.40 32.42 8.19
N SER A 655 9.54 32.84 7.64
CA SER A 655 10.72 31.98 7.55
C SER A 655 11.34 31.81 8.94
N ALA A 656 11.24 32.87 9.75
CA ALA A 656 11.71 32.88 11.14
C ALA A 656 10.94 31.86 11.96
N ASP A 657 9.63 31.79 11.70
CA ASP A 657 8.74 30.83 12.35
C ASP A 657 9.08 29.35 12.08
N VAL A 658 9.34 29.03 10.82
CA VAL A 658 9.70 27.66 10.45
C VAL A 658 10.96 27.21 11.18
N ARG A 659 11.99 28.05 11.18
CA ARG A 659 13.24 27.67 11.83
C ARG A 659 13.06 27.45 13.33
N ALA A 660 12.23 28.30 13.96
CA ALA A 660 11.99 28.21 15.41
C ALA A 660 11.27 26.93 15.72
N SER A 661 10.32 26.58 14.87
CA SER A 661 9.60 25.33 15.05
C SER A 661 10.55 24.14 14.85
N LEU A 662 11.29 24.11 13.75
CA LEU A 662 12.26 23.03 13.54
C LEU A 662 13.21 22.92 14.72
N GLU A 663 13.76 24.06 15.10
CA GLU A 663 14.71 24.11 16.21
C GLU A 663 14.07 23.57 17.47
N ARG A 664 12.82 23.97 17.73
CA ARG A 664 12.09 23.49 18.91
C ARG A 664 11.84 21.99 18.90
N MET A 665 11.30 21.47 17.81
CA MET A 665 10.88 20.07 17.76
C MET A 665 12.03 19.09 17.73
N ALA A 666 13.14 19.53 17.15
CA ALA A 666 14.30 18.66 16.95
C ALA A 666 14.75 17.88 18.20
N PRO A 667 15.00 18.57 19.33
CA PRO A 667 15.46 17.80 20.48
C PRO A 667 14.41 16.81 21.01
N LEU A 668 13.13 17.06 20.73
CA LEU A 668 12.10 16.15 21.20
C LEU A 668 12.12 14.89 20.36
N VAL A 669 12.25 15.07 19.06
CA VAL A 669 12.42 13.95 18.16
C VAL A 669 13.61 13.10 18.61
N ASP A 670 14.73 13.73 18.96
CA ASP A 670 15.92 13.04 19.50
C ASP A 670 15.59 12.20 20.74
N ARG A 671 14.85 12.81 21.66
CA ARG A 671 14.43 12.13 22.88
C ARG A 671 13.31 11.14 22.57
N GLN A 672 12.62 11.36 21.46
CA GLN A 672 11.59 10.42 21.01
C GLN A 672 12.22 9.26 20.25
N ASN A 673 13.55 9.28 20.10
CA ASN A 673 14.25 8.17 19.47
C ASN A 673 15.19 7.47 20.44
N ALA A 678 22.89 3.90 17.78
CA ALA A 678 22.47 3.90 16.38
C ALA A 678 22.05 5.30 15.92
N TYR A 679 21.29 5.98 16.76
CA TYR A 679 20.72 7.28 16.41
C TYR A 679 21.66 8.44 16.70
N ARG A 680 21.71 9.42 15.79
CA ARG A 680 22.51 10.62 15.98
C ARG A 680 21.64 11.86 16.15
N PRO A 681 21.86 12.60 17.26
CA PRO A 681 21.01 13.74 17.64
C PRO A 681 21.23 14.98 16.77
N MET A 682 20.13 15.56 16.29
CA MET A 682 20.19 16.75 15.46
C MET A 682 20.50 17.99 16.30
N ALA A 683 19.99 17.98 17.53
CA ALA A 683 20.21 19.08 18.47
C ALA A 683 21.43 18.83 19.37
N PRO A 684 22.12 19.91 19.78
CA PRO A 684 21.85 21.31 19.48
C PRO A 684 22.62 21.83 18.27
N ASN A 685 23.23 20.92 17.52
CA ASN A 685 24.04 21.31 16.37
C ASN A 685 23.26 21.12 15.07
N PHE A 686 22.55 22.16 14.66
CA PHE A 686 21.54 22.06 13.62
C PHE A 686 22.11 22.00 12.21
N ASP A 687 23.02 22.90 11.88
CA ASP A 687 23.53 22.94 10.50
C ASP A 687 24.70 21.98 10.30
N ASP A 688 24.73 20.92 11.10
CA ASP A 688 25.69 19.83 10.91
C ASP A 688 24.96 18.52 10.64
N SER A 689 23.77 18.40 11.19
CA SER A 689 22.87 17.32 10.83
C SER A 689 22.37 17.55 9.41
N ILE A 690 22.82 16.72 8.49
CA ILE A 690 22.33 16.73 7.11
C ILE A 690 20.81 16.46 7.08
N ALA A 691 20.33 15.62 7.99
CA ALA A 691 18.89 15.37 8.10
C ALA A 691 18.12 16.66 8.38
N PHE A 692 18.52 17.37 9.44
CA PHE A 692 17.94 18.66 9.76
C PHE A 692 17.98 19.59 8.55
N LEU A 693 19.14 19.67 7.88
CA LEU A 693 19.22 20.53 6.71
C LEU A 693 18.30 20.04 5.58
N ALA A 694 18.05 18.74 5.51
CA ALA A 694 17.12 18.19 4.54
C ALA A 694 15.70 18.65 4.87
N ALA A 695 15.31 18.49 6.14
CA ALA A 695 13.96 18.85 6.60
C ALA A 695 13.68 20.33 6.40
N GLN A 696 14.73 21.12 6.57
CA GLN A 696 14.66 22.54 6.31
C GLN A 696 14.44 22.79 4.82
N GLU A 697 15.27 22.14 4.00
CA GLU A 697 15.21 22.33 2.55
C GLU A 697 13.82 21.96 2.02
N LEU A 698 13.30 20.82 2.47
CA LEU A 698 12.01 20.29 2.06
C LEU A 698 10.90 21.33 2.20
N ILE A 699 10.90 22.06 3.30
CA ILE A 699 9.95 23.13 3.54
C ILE A 699 10.30 24.37 2.72
N LEU A 700 11.52 24.86 2.90
CA LEU A 700 11.94 26.10 2.21
C LEU A 700 11.97 26.03 0.69
N SER A 701 12.46 24.92 0.13
CA SER A 701 12.48 24.73 -1.32
C SER A 701 11.18 24.11 -1.84
N GLY A 702 10.22 23.92 -0.94
CA GLY A 702 9.00 23.18 -1.22
C GLY A 702 8.27 23.54 -2.50
N ALA A 703 8.06 24.83 -2.73
CA ALA A 703 7.27 25.27 -3.87
C ALA A 703 8.01 25.08 -5.20
N GLN A 704 9.30 24.75 -5.13
CA GLN A 704 10.13 24.64 -6.34
C GLN A 704 10.23 23.19 -6.83
N GLN A 705 10.13 22.26 -5.89
CA GLN A 705 10.03 20.83 -6.18
C GLN A 705 8.96 20.50 -7.24
N PRO A 706 9.31 19.63 -8.19
CA PRO A 706 8.34 19.32 -9.26
C PRO A 706 7.15 18.55 -8.71
N ASN A 707 5.96 19.15 -8.74
CA ASN A 707 4.75 18.52 -8.21
C ASN A 707 4.88 18.25 -6.72
N GLY A 708 5.67 19.06 -6.03
CA GLY A 708 5.81 18.94 -4.60
C GLY A 708 6.54 17.69 -4.19
N TYR A 709 7.00 16.93 -5.18
CA TYR A 709 7.71 15.67 -4.93
C TYR A 709 8.94 15.83 -4.04
N THR A 710 9.07 14.87 -3.14
CA THR A 710 9.97 14.92 -2.01
C THR A 710 11.25 14.10 -2.24
N GLU A 711 11.28 13.33 -3.32
CA GLU A 711 12.40 12.42 -3.57
C GLU A 711 13.75 13.05 -3.99
N PRO A 712 13.75 14.06 -4.88
CA PRO A 712 15.01 14.72 -5.25
C PRO A 712 15.85 15.13 -4.03
N ILE A 713 15.29 15.99 -3.19
CA ILE A 713 15.97 16.45 -2.01
C ILE A 713 16.41 15.26 -1.17
N LEU A 714 15.45 14.38 -0.87
CA LEU A 714 15.67 13.25 0.02
C LEU A 714 16.77 12.33 -0.46
N HIS A 715 16.78 12.08 -1.77
CA HIS A 715 17.75 11.16 -2.36
C HIS A 715 19.13 11.77 -2.29
N ARG A 716 19.18 13.05 -2.62
CA ARG A 716 20.42 13.79 -2.64
C ARG A 716 21.04 13.84 -1.26
N ARG A 717 20.21 14.08 -0.25
CA ARG A 717 20.68 14.26 1.11
C ARG A 717 21.09 12.95 1.78
N ARG A 718 20.42 11.86 1.39
CA ARG A 718 20.76 10.54 1.89
C ARG A 718 22.12 10.13 1.33
N ARG A 719 22.29 10.33 0.03
CA ARG A 719 23.57 10.10 -0.61
C ARG A 719 24.70 10.94 -0.01
N GLU A 720 24.38 12.18 0.35
CA GLU A 720 25.34 13.02 1.07
C GLU A 720 25.77 12.38 2.39
N PHE A 721 24.80 11.87 3.16
CA PHE A 721 25.08 11.16 4.41
C PHE A 721 25.94 9.92 4.21
N LYS A 722 25.60 9.13 3.20
CA LYS A 722 26.36 7.91 2.89
C LYS A 722 27.83 8.18 2.60
N ALA A 723 28.08 9.23 1.81
CA ALA A 723 29.44 9.62 1.47
C ALA A 723 30.22 10.08 2.69
N ARG A 724 29.69 11.07 3.38
CA ARG A 724 30.38 11.70 4.51
C ARG A 724 30.43 10.82 5.76
N ALA A 725 30.66 9.53 5.56
CA ALA A 725 30.68 8.58 6.66
C ALA A 725 31.54 7.38 6.30
N ALA A 726 32.11 7.40 5.11
CA ALA A 726 32.91 6.26 4.62
C ALA A 726 34.21 6.09 5.42
N GLU A 727 34.94 7.18 5.59
CA GLU A 727 36.19 7.19 6.35
C GLU A 727 35.98 6.89 7.83
#